data_1PH4
#
_entry.id   1PH4
#
_cell.length_a   93.450
_cell.length_b   93.450
_cell.length_c   422.558
_cell.angle_alpha   90.00
_cell.angle_beta   90.00
_cell.angle_gamma   120.00
#
_symmetry.space_group_name_H-M   'P 61 2 2'
#
loop_
_entity.id
_entity.type
_entity.pdbx_description
1 polymer "5'-D(*GP*GP*GP*GP*TP*TP*TP*TP*GP*GP*GP*GP*T)-3'"
2 polymer "5'-D(*GP*GP*GP*GP*TP*TP*TP*TP*GP*GP*CP*G)-3'"
3 polymer 'Telomere-binding protein alpha subunit'
4 polymer 'Telomere-binding protein beta subunit'
5 non-polymer 'SODIUM ION'
6 non-polymer 'CHLORIDE ION'
7 water water
#
loop_
_entity_poly.entity_id
_entity_poly.type
_entity_poly.pdbx_seq_one_letter_code
_entity_poly.pdbx_strand_id
1 'polydeoxyribonucleotide' (DG)(DG)(DG)(DG)(DT)(DT)(DT)(DT)(DG)(DG)(DG)(DG)(DT) G,H
2 'polydeoxyribonucleotide' (DG)(DG)(DG)(DG)(DT)(DT)(DT)(DT)(DG)(DG)(DC)(DG) D
3 'polypeptide(L)'
;YEYVELAKASLTSAQPQHFYAVVIDATFPYKTNQERYICSLKIVDPTLYLKQQKGAGDASDYATLVLYAKRFEDLPIIHR
AGDIIRVHRATLRLYNGQRQFNANVFYSSSWALFSTDKRSVTQEINNQDAVSDTTPFSFSSKHATIEKNEISILQNLRKW
ANQYFSSYSVISSDMYTALNKAQAQKGDFDVVAKILQVHELDEYTNELKLKDASGQVFYTLSLKLKFPHVRTGEVVRIRS
ATYDETSTQKKVLILSHYSNIITFIQSSKLAKELRAKIQDDHSVEVASLKKNVSLNAVVLTEVDKKHAALPSTSLQDLFH
HADSDKELQAQDTFRTQFYVTKIEPSDVKEWVKGYDRKTKKSSSLKGASGKGDNIFQVQFLVKDASTQLNNNTYRVLLYT
QDGLGANFFNVKADNLHKNADARKKLEDSAELLTKFNSYVDAVVERRNGFYLIKDTKLIY
;
A
4 'polypeptide(L)'
;QQQSAFKQLYTELFNNEGDFSKVSSNLKKPLKCYVKESYPHFLVTDGYFFVAPYFTKEAVNEFHAKFPNVNIVDLTDKVI
VINNWSLELRRVNSAEVFTSYANLEARLIVHSFKPNLQERLNPTRYPVNLFRDDEFKTTIQHFRHTALQAAINKTVKGDN
LVDISKVADAAGKKGKVDAGIVKASASKGDEFSDFSFKEGNTATLKIADIFVQEKG
;
B
#
loop_
_chem_comp.id
_chem_comp.type
_chem_comp.name
_chem_comp.formula
CL non-polymer 'CHLORIDE ION' 'Cl -1'
DC DNA linking 2'-DEOXYCYTIDINE-5'-MONOPHOSPHATE 'C9 H14 N3 O7 P'
DG DNA linking 2'-DEOXYGUANOSINE-5'-MONOPHOSPHATE 'C10 H14 N5 O7 P'
DT DNA linking THYMIDINE-5'-MONOPHOSPHATE 'C10 H15 N2 O8 P'
NA non-polymer 'SODIUM ION' 'Na 1'
#
# COMPACT_ATOMS: atom_id res chain seq x y z
N TYR D 1 30.14 27.05 -17.62
CA TYR D 1 30.25 25.86 -16.72
C TYR D 1 31.10 24.74 -17.34
N GLU D 2 32.11 24.30 -16.61
CA GLU D 2 32.99 23.23 -17.07
C GLU D 2 32.64 21.95 -16.34
N TYR D 3 32.33 20.89 -17.07
CA TYR D 3 31.95 19.62 -16.46
C TYR D 3 33.10 18.63 -16.39
N VAL D 4 33.30 18.05 -15.21
CA VAL D 4 34.38 17.09 -14.97
C VAL D 4 33.85 15.68 -14.70
N GLU D 5 34.60 14.68 -15.16
CA GLU D 5 34.20 13.30 -14.93
C GLU D 5 34.51 12.90 -13.49
N LEU D 6 33.68 12.03 -12.94
CA LEU D 6 33.80 11.61 -11.55
C LEU D 6 35.18 11.23 -11.04
N ALA D 7 35.85 10.34 -11.78
CA ALA D 7 37.18 9.90 -11.36
C ALA D 7 38.25 10.98 -11.52
N LYS D 8 37.98 11.99 -12.34
CA LYS D 8 38.96 13.04 -12.57
C LYS D 8 38.77 14.31 -11.74
N ALA D 9 37.67 14.39 -10.99
CA ALA D 9 37.42 15.56 -10.16
C ALA D 9 38.55 15.68 -9.13
N SER D 10 38.86 16.91 -8.73
CA SER D 10 39.93 17.14 -7.77
C SER D 10 39.54 16.91 -6.32
N LEU D 11 40.38 16.18 -5.60
CA LEU D 11 40.13 15.91 -4.17
C LEU D 11 40.84 16.95 -3.32
N THR D 12 41.63 17.81 -3.94
CA THR D 12 42.37 18.82 -3.19
C THR D 12 41.87 20.24 -3.40
N SER D 13 41.29 20.52 -4.57
CA SER D 13 40.80 21.86 -4.84
C SER D 13 39.83 22.36 -3.79
N ALA D 14 38.92 21.49 -3.36
CA ALA D 14 37.90 21.85 -2.38
C ALA D 14 37.03 22.97 -2.97
N GLN D 15 37.24 23.27 -4.24
CA GLN D 15 36.48 24.30 -4.95
C GLN D 15 35.25 23.70 -5.59
N PRO D 16 34.23 24.53 -5.83
CA PRO D 16 33.00 24.02 -6.43
C PRO D 16 33.28 23.40 -7.81
N GLN D 17 32.81 22.18 -8.01
CA GLN D 17 32.98 21.49 -9.29
C GLN D 17 31.61 21.08 -9.84
N HIS D 18 31.56 20.80 -11.14
CA HIS D 18 30.30 20.46 -11.78
C HIS D 18 30.44 19.17 -12.57
N PHE D 19 29.35 18.42 -12.70
CA PHE D 19 29.39 17.16 -13.43
C PHE D 19 28.04 16.61 -13.87
N TYR D 20 28.09 15.69 -14.82
CA TYR D 20 26.92 14.98 -15.34
C TYR D 20 27.17 13.55 -14.87
N ALA D 21 26.12 12.83 -14.47
CA ALA D 21 26.31 11.45 -14.02
C ALA D 21 25.03 10.65 -14.11
N VAL D 22 25.15 9.34 -13.98
CA VAL D 22 23.99 8.46 -14.03
C VAL D 22 23.68 8.03 -12.60
N VAL D 23 22.42 8.11 -12.20
CA VAL D 23 22.03 7.70 -10.86
C VAL D 23 21.68 6.23 -10.84
N ILE D 24 22.28 5.48 -9.91
CA ILE D 24 21.98 4.07 -9.81
C ILE D 24 21.27 3.81 -8.50
N ASP D 25 21.31 4.75 -7.57
CA ASP D 25 20.65 4.54 -6.28
C ASP D 25 20.41 5.84 -5.56
N ALA D 26 19.40 5.85 -4.70
CA ALA D 26 19.10 7.06 -3.96
C ALA D 26 18.07 6.83 -2.89
N THR D 27 18.22 7.55 -1.78
CA THR D 27 17.26 7.49 -0.70
C THR D 27 16.17 8.44 -1.19
N PHE D 28 15.06 8.50 -0.47
CA PHE D 28 14.00 9.44 -0.80
C PHE D 28 14.45 10.69 -0.03
N PRO D 29 14.01 11.89 -0.44
CA PRO D 29 14.45 13.07 0.33
C PRO D 29 13.83 12.93 1.71
N TYR D 30 14.60 13.15 2.77
CA TYR D 30 14.05 13.00 4.12
C TYR D 30 14.48 14.12 5.07
N LYS D 31 13.60 14.46 6.01
CA LYS D 31 13.89 15.50 7.00
C LYS D 31 14.75 14.93 8.12
N THR D 32 15.72 15.71 8.60
CA THR D 32 16.62 15.30 9.68
C THR D 32 16.32 16.02 11.00
N ASN D 33 15.98 17.30 10.92
CA ASN D 33 15.66 18.08 12.10
C ASN D 33 14.64 19.17 11.76
N GLN D 34 14.64 20.25 12.52
CA GLN D 34 13.69 21.33 12.30
C GLN D 34 13.98 22.20 11.10
N GLU D 35 15.14 22.03 10.47
CA GLU D 35 15.48 22.87 9.33
C GLU D 35 16.28 22.23 8.19
N ARG D 36 16.51 20.91 8.23
CA ARG D 36 17.30 20.27 7.18
C ARG D 36 16.74 19.01 6.51
N TYR D 37 16.83 18.97 5.19
CA TYR D 37 16.40 17.83 4.40
C TYR D 37 17.61 17.27 3.64
N ILE D 38 17.63 15.96 3.45
CA ILE D 38 18.75 15.31 2.79
C ILE D 38 18.37 14.23 1.79
N CYS D 39 19.16 14.12 0.72
CA CYS D 39 18.98 13.07 -0.27
C CYS D 39 20.34 12.48 -0.63
N SER D 40 20.54 11.21 -0.32
CA SER D 40 21.81 10.57 -0.63
C SER D 40 21.68 9.70 -1.89
N LEU D 41 22.66 9.77 -2.78
CA LEU D 41 22.61 8.94 -3.96
C LEU D 41 23.93 8.36 -4.42
N LYS D 42 23.84 7.31 -5.22
CA LYS D 42 25.02 6.66 -5.78
C LYS D 42 25.03 7.02 -7.26
N ILE D 43 26.17 7.51 -7.73
CA ILE D 43 26.32 7.92 -9.12
C ILE D 43 27.55 7.29 -9.80
N VAL D 44 27.46 7.14 -11.12
CA VAL D 44 28.55 6.58 -11.89
C VAL D 44 28.65 7.28 -13.24
N ASP D 45 29.76 7.07 -13.93
CA ASP D 45 29.96 7.64 -15.26
C ASP D 45 31.03 6.79 -15.96
N PRO D 46 31.36 7.12 -17.22
CA PRO D 46 32.36 6.34 -17.96
C PRO D 46 33.71 6.11 -17.27
N THR D 47 34.04 6.95 -16.29
CA THR D 47 35.30 6.81 -15.57
C THR D 47 35.21 6.16 -14.19
N LEU D 48 34.00 5.90 -13.71
CA LEU D 48 33.81 5.29 -12.39
C LEU D 48 32.46 4.56 -12.38
N TYR D 49 32.52 3.24 -12.50
CA TYR D 49 31.31 2.44 -12.55
C TYR D 49 31.51 0.97 -12.25
N LEU D 50 32.76 0.53 -12.17
CA LEU D 50 33.03 -0.87 -11.88
C LEU D 50 34.35 -1.05 -11.12
N LYS D 51 34.30 -1.88 -10.09
CA LYS D 51 35.49 -2.13 -9.28
C LYS D 51 36.45 -3.05 -10.03
N GLN D 52 37.74 -2.92 -9.70
CA GLN D 52 38.81 -3.72 -10.30
C GLN D 52 38.38 -5.18 -10.49
N GLN D 53 37.78 -5.47 -11.64
CA GLN D 53 37.29 -6.81 -11.94
C GLN D 53 38.34 -7.88 -12.22
N LYS D 54 38.47 -8.78 -11.26
CA LYS D 54 39.41 -9.90 -11.31
C LYS D 54 39.00 -10.75 -10.12
N GLY D 55 38.93 -10.08 -8.97
CA GLY D 55 38.52 -10.72 -7.73
C GLY D 55 37.44 -9.85 -7.13
N ALA D 56 36.96 -8.89 -7.92
CA ALA D 56 35.93 -7.96 -7.50
C ALA D 56 34.54 -8.61 -7.55
N GLY D 57 34.33 -9.47 -8.55
CA GLY D 57 33.04 -10.14 -8.68
C GLY D 57 32.04 -9.32 -9.47
N ASP D 58 32.55 -8.54 -10.43
CA ASP D 58 31.73 -7.69 -11.28
C ASP D 58 30.88 -6.75 -10.43
N ALA D 59 31.39 -6.42 -9.25
CA ALA D 59 30.72 -5.52 -8.33
C ALA D 59 30.80 -4.13 -8.94
N SER D 60 29.78 -3.31 -8.71
CA SER D 60 29.76 -1.95 -9.25
C SER D 60 30.58 -0.99 -8.39
N ASP D 61 31.31 -0.07 -9.04
CA ASP D 61 32.05 0.93 -8.27
C ASP D 61 31.31 2.24 -8.50
N TYR D 62 31.36 3.15 -7.54
CA TYR D 62 30.62 4.40 -7.68
C TYR D 62 31.05 5.49 -6.72
N ALA D 63 30.53 6.68 -6.98
CA ALA D 63 30.77 7.84 -6.14
C ALA D 63 29.44 8.09 -5.44
N THR D 64 29.46 8.87 -4.37
CA THR D 64 28.23 9.19 -3.67
C THR D 64 27.99 10.69 -3.78
N LEU D 65 26.72 11.06 -3.79
CA LEU D 65 26.31 12.44 -3.87
C LEU D 65 25.36 12.69 -2.71
N VAL D 66 25.65 13.71 -1.91
CA VAL D 66 24.78 14.04 -0.80
C VAL D 66 24.30 15.48 -1.05
N LEU D 67 22.99 15.66 -1.11
CA LEU D 67 22.41 16.98 -1.35
C LEU D 67 21.72 17.44 -0.09
N TYR D 68 22.03 18.65 0.35
CA TYR D 68 21.40 19.20 1.54
C TYR D 68 20.48 20.35 1.15
N ALA D 69 19.41 20.54 1.93
CA ALA D 69 18.45 21.59 1.62
C ALA D 69 17.64 21.94 2.84
N LYS D 70 16.99 23.11 2.80
CA LYS D 70 16.16 23.56 3.93
C LYS D 70 14.72 23.21 3.67
N ARG D 71 14.41 22.86 2.43
CA ARG D 71 13.06 22.51 2.03
C ARG D 71 13.04 21.20 1.27
N PHE D 72 11.99 20.42 1.51
CA PHE D 72 11.82 19.13 0.87
C PHE D 72 11.80 19.26 -0.65
N GLU D 73 11.09 20.28 -1.13
CA GLU D 73 10.95 20.50 -2.54
C GLU D 73 12.24 20.87 -3.29
N ASP D 74 13.31 21.18 -2.57
CA ASP D 74 14.56 21.55 -3.24
C ASP D 74 15.46 20.33 -3.48
N LEU D 75 14.92 19.14 -3.29
CA LEU D 75 15.70 17.92 -3.51
C LEU D 75 15.02 17.04 -4.54
N PRO D 76 15.82 16.25 -5.28
CA PRO D 76 15.38 15.34 -6.33
C PRO D 76 14.72 14.04 -5.88
N ILE D 77 13.58 13.72 -6.49
CA ILE D 77 12.89 12.48 -6.16
C ILE D 77 13.25 11.48 -7.25
N ILE D 78 14.12 10.53 -6.91
CA ILE D 78 14.57 9.52 -7.86
C ILE D 78 13.65 8.30 -7.84
N HIS D 79 12.89 8.11 -8.91
CA HIS D 79 11.98 6.96 -8.98
C HIS D 79 12.59 5.83 -9.78
N ARG D 80 13.61 6.14 -10.56
CA ARG D 80 14.22 5.16 -11.46
C ARG D 80 15.74 5.20 -11.62
N ALA D 81 16.34 4.02 -11.56
CA ALA D 81 17.78 3.89 -11.72
C ALA D 81 18.12 3.94 -13.21
N GLY D 82 19.13 4.73 -13.56
CA GLY D 82 19.50 4.81 -14.96
C GLY D 82 19.40 6.21 -15.51
N ASP D 83 18.57 7.05 -14.89
CA ASP D 83 18.41 8.43 -15.34
C ASP D 83 19.67 9.22 -15.02
N ILE D 84 19.74 10.44 -15.54
CA ILE D 84 20.91 11.30 -15.38
C ILE D 84 20.67 12.53 -14.52
N ILE D 85 21.70 12.92 -13.76
CA ILE D 85 21.61 14.10 -12.92
C ILE D 85 22.76 15.04 -13.26
N ARG D 86 22.48 16.34 -13.29
CA ARG D 86 23.50 17.36 -13.56
C ARG D 86 23.60 18.19 -12.29
N VAL D 87 24.81 18.31 -11.77
CA VAL D 87 25.05 19.05 -10.54
C VAL D 87 25.98 20.23 -10.76
N HIS D 88 25.67 21.34 -10.09
CA HIS D 88 26.48 22.55 -10.16
C HIS D 88 26.95 22.90 -8.76
N ARG D 89 28.22 23.27 -8.67
CA ARG D 89 28.83 23.67 -7.41
C ARG D 89 28.84 22.64 -6.27
N ALA D 90 29.44 21.49 -6.54
CA ALA D 90 29.56 20.43 -5.55
C ALA D 90 31.01 20.37 -5.06
N THR D 91 31.23 20.09 -3.78
CA THR D 91 32.58 19.98 -3.24
C THR D 91 32.88 18.50 -3.00
N LEU D 92 34.04 18.06 -3.46
CA LEU D 92 34.43 16.67 -3.35
C LEU D 92 35.41 16.39 -2.23
N ARG D 93 35.22 15.25 -1.57
CA ARG D 93 36.12 14.85 -0.50
C ARG D 93 36.04 13.35 -0.38
N LEU D 94 37.05 12.77 0.27
CA LEU D 94 37.10 11.34 0.47
C LEU D 94 36.42 11.00 1.79
N TYR D 95 35.41 10.13 1.73
CA TYR D 95 34.69 9.71 2.93
C TYR D 95 34.79 8.20 2.99
N ASN D 96 35.53 7.71 3.96
CA ASN D 96 35.75 6.29 4.15
C ASN D 96 36.13 5.59 2.87
N GLY D 97 37.18 6.11 2.24
CA GLY D 97 37.69 5.53 1.02
C GLY D 97 36.97 5.82 -0.28
N GLN D 98 35.83 6.48 -0.25
CA GLN D 98 35.16 6.73 -1.51
C GLN D 98 34.88 8.19 -1.81
N ARG D 99 34.79 8.50 -3.10
CA ARG D 99 34.56 9.88 -3.56
C ARG D 99 33.14 10.37 -3.23
N GLN D 100 33.05 11.30 -2.29
CA GLN D 100 31.78 11.87 -1.85
C GLN D 100 31.61 13.30 -2.34
N PHE D 101 30.64 13.52 -3.22
CA PHE D 101 30.36 14.87 -3.72
C PHE D 101 29.26 15.43 -2.84
N ASN D 102 29.51 16.61 -2.27
CA ASN D 102 28.54 17.26 -1.41
C ASN D 102 28.05 18.55 -2.04
N ALA D 103 26.75 18.80 -1.92
CA ALA D 103 26.22 20.02 -2.49
C ALA D 103 25.11 20.60 -1.63
N ASN D 104 25.30 21.84 -1.18
CA ASN D 104 24.27 22.50 -0.37
C ASN D 104 23.33 23.25 -1.33
N VAL D 105 22.15 22.69 -1.53
CA VAL D 105 21.19 23.31 -2.44
C VAL D 105 20.66 24.60 -1.83
N PHE D 106 20.63 24.66 -0.50
CA PHE D 106 20.14 25.84 0.18
C PHE D 106 21.10 27.03 0.05
N TYR D 107 22.23 26.81 -0.62
CA TYR D 107 23.17 27.90 -0.78
C TYR D 107 23.34 28.32 -2.22
N SER D 108 24.28 27.70 -2.92
CA SER D 108 24.53 28.06 -4.31
C SER D 108 24.55 26.87 -5.24
N SER D 109 24.37 25.67 -4.71
CA SER D 109 24.39 24.47 -5.54
C SER D 109 23.04 24.23 -6.20
N SER D 110 23.05 23.46 -7.28
CA SER D 110 21.82 23.15 -7.98
C SER D 110 21.94 21.82 -8.68
N TRP D 111 20.80 21.24 -9.03
CA TRP D 111 20.79 19.96 -9.71
C TRP D 111 19.71 19.95 -10.78
N ALA D 112 19.80 18.99 -11.69
CA ALA D 112 18.81 18.87 -12.76
C ALA D 112 18.80 17.41 -13.18
N LEU D 113 17.60 16.87 -13.40
CA LEU D 113 17.41 15.47 -13.80
C LEU D 113 17.03 15.34 -15.26
N PHE D 114 17.67 14.41 -15.96
CA PHE D 114 17.38 14.17 -17.37
C PHE D 114 17.02 12.71 -17.54
N SER D 115 15.95 12.48 -18.29
CA SER D 115 15.46 11.15 -18.55
C SER D 115 16.34 10.39 -19.53
N THR D 116 16.72 9.17 -19.18
CA THR D 116 17.54 8.37 -20.07
C THR D 116 16.63 7.72 -21.10
N ASP D 117 15.47 7.26 -20.66
CA ASP D 117 14.51 6.71 -21.61
C ASP D 117 13.74 7.89 -22.22
N LYS D 118 12.87 7.59 -23.18
CA LYS D 118 12.10 8.62 -23.86
C LYS D 118 11.39 9.54 -22.87
N ARG D 119 10.68 8.93 -21.94
CA ARG D 119 9.93 9.67 -20.95
C ARG D 119 10.43 9.42 -19.53
N SER D 120 10.20 10.38 -18.65
CA SER D 120 10.56 10.24 -17.25
C SER D 120 9.49 9.33 -16.67
N VAL D 121 9.67 8.88 -15.43
CA VAL D 121 8.69 8.02 -14.80
C VAL D 121 7.34 8.72 -14.67
N THR D 122 7.36 9.97 -14.22
CA THR D 122 6.13 10.73 -14.04
C THR D 122 5.42 10.93 -15.38
N GLN D 123 6.17 11.19 -16.44
CA GLN D 123 5.58 11.38 -17.75
C GLN D 123 4.95 10.08 -18.24
N GLU D 124 5.54 8.94 -17.87
CA GLU D 124 4.99 7.64 -18.29
C GLU D 124 3.66 7.38 -17.58
N ILE D 125 3.60 7.77 -16.31
CA ILE D 125 2.41 7.59 -15.51
C ILE D 125 1.26 8.44 -16.04
N ASN D 126 1.59 9.62 -16.55
CA ASN D 126 0.55 10.52 -17.05
C ASN D 126 0.42 10.49 -18.57
N ASN D 127 1.17 9.58 -19.19
CA ASN D 127 1.15 9.45 -20.65
C ASN D 127 1.41 10.79 -21.32
N GLN D 128 2.51 11.42 -20.92
CA GLN D 128 2.93 12.71 -21.45
C GLN D 128 4.20 12.54 -22.29
N ASP D 129 4.41 13.43 -23.24
CA ASP D 129 5.61 13.40 -24.06
C ASP D 129 6.57 14.44 -23.48
N ALA D 130 7.87 14.24 -23.65
CA ALA D 130 8.87 15.16 -23.12
C ALA D 130 8.97 16.36 -24.04
N VAL D 131 9.12 17.55 -23.47
CA VAL D 131 9.22 18.77 -24.27
C VAL D 131 10.24 18.57 -25.39
N SER D 132 11.42 18.06 -25.02
CA SER D 132 12.50 17.79 -25.97
C SER D 132 13.46 16.84 -25.29
N ASP D 133 14.48 16.40 -26.02
CA ASP D 133 15.45 15.49 -25.44
C ASP D 133 16.57 16.22 -24.69
N THR D 134 16.42 17.52 -24.53
CA THR D 134 17.42 18.29 -23.80
C THR D 134 16.76 19.09 -22.69
N THR D 135 15.56 18.68 -22.31
CA THR D 135 14.83 19.37 -21.26
C THR D 135 14.81 18.55 -19.96
N PRO D 136 15.26 19.16 -18.85
CA PRO D 136 15.28 18.46 -17.57
C PRO D 136 13.84 18.25 -17.14
N PHE D 137 13.48 17.04 -16.70
CA PHE D 137 12.11 16.84 -16.25
C PHE D 137 11.90 17.32 -14.81
N SER D 138 13.00 17.68 -14.16
CA SER D 138 12.99 18.18 -12.79
C SER D 138 14.31 18.91 -12.48
N PHE D 139 14.26 19.94 -11.64
CA PHE D 139 15.45 20.69 -11.30
C PHE D 139 15.23 21.63 -10.11
N SER D 140 16.32 21.97 -9.44
CA SER D 140 16.26 22.87 -8.28
C SER D 140 16.26 24.32 -8.72
N SER D 141 15.77 25.20 -7.86
CA SER D 141 15.67 26.63 -8.15
C SER D 141 14.61 26.87 -9.25
N LYS D 142 14.39 28.14 -9.57
CA LYS D 142 13.38 28.52 -10.55
C LYS D 142 13.78 28.39 -12.02
N HIS D 143 15.07 28.23 -12.30
CA HIS D 143 15.53 28.11 -13.68
C HIS D 143 16.66 27.08 -13.84
N ALA D 144 16.79 26.57 -15.06
CA ALA D 144 17.82 25.62 -15.45
C ALA D 144 18.22 25.98 -16.88
N THR D 145 19.52 26.08 -17.13
CA THR D 145 20.01 26.43 -18.45
C THR D 145 20.86 25.31 -19.06
N ILE D 146 20.57 24.96 -20.30
CA ILE D 146 21.33 23.95 -21.02
C ILE D 146 21.99 24.62 -22.22
N GLU D 147 23.32 24.73 -22.20
CA GLU D 147 24.09 25.33 -23.28
C GLU D 147 24.24 24.34 -24.44
N LYS D 148 24.42 24.87 -25.66
CA LYS D 148 24.57 24.03 -26.85
C LYS D 148 25.66 22.98 -26.71
N ASN D 149 26.76 23.32 -26.04
CA ASN D 149 27.85 22.37 -25.89
C ASN D 149 27.51 21.17 -25.02
N GLU D 150 26.53 21.32 -24.13
CA GLU D 150 26.14 20.23 -23.23
C GLU D 150 25.42 19.10 -23.95
N ILE D 151 24.66 19.45 -24.98
CA ILE D 151 23.90 18.46 -25.73
C ILE D 151 24.70 17.20 -26.06
N SER D 152 25.96 17.35 -26.44
CA SER D 152 26.78 16.18 -26.77
C SER D 152 27.07 15.35 -25.53
N ILE D 153 27.35 16.01 -24.42
CA ILE D 153 27.64 15.33 -23.16
C ILE D 153 26.44 14.49 -22.74
N LEU D 154 25.27 15.10 -22.76
CA LEU D 154 24.03 14.45 -22.39
C LEU D 154 23.71 13.27 -23.31
N GLN D 155 23.74 13.52 -24.62
CA GLN D 155 23.45 12.48 -25.60
C GLN D 155 24.42 11.29 -25.45
N ASN D 156 25.70 11.60 -25.27
CA ASN D 156 26.69 10.54 -25.11
C ASN D 156 26.52 9.79 -23.79
N LEU D 157 26.25 10.51 -22.70
CA LEU D 157 26.07 9.84 -21.42
C LEU D 157 24.85 8.93 -21.46
N ARG D 158 23.85 9.31 -22.25
CA ARG D 158 22.65 8.48 -22.39
C ARG D 158 22.99 7.19 -23.10
N LYS D 159 23.76 7.32 -24.18
CA LYS D 159 24.15 6.16 -24.95
C LYS D 159 24.97 5.24 -24.06
N TRP D 160 25.82 5.85 -23.24
CA TRP D 160 26.67 5.10 -22.32
C TRP D 160 25.81 4.37 -21.27
N ALA D 161 24.85 5.08 -20.70
CA ALA D 161 23.98 4.49 -19.68
C ALA D 161 23.28 3.25 -20.19
N ASN D 162 22.78 3.30 -21.43
CA ASN D 162 22.10 2.13 -21.99
C ASN D 162 23.04 0.95 -22.21
N GLN D 163 24.27 1.25 -22.62
CA GLN D 163 25.26 0.18 -22.84
C GLN D 163 25.61 -0.42 -21.49
N TYR D 164 25.73 0.44 -20.47
CA TYR D 164 26.08 0.04 -19.12
C TYR D 164 25.00 -0.86 -18.50
N PHE D 165 23.76 -0.39 -18.51
CA PHE D 165 22.68 -1.17 -17.93
C PHE D 165 22.37 -2.47 -18.67
N SER D 166 22.64 -2.49 -19.98
CA SER D 166 22.37 -3.70 -20.78
C SER D 166 23.51 -4.72 -20.72
N SER D 167 24.69 -4.25 -20.32
CA SER D 167 25.87 -5.13 -20.22
C SER D 167 26.13 -5.62 -18.81
N TYR D 168 25.79 -4.80 -17.83
CA TYR D 168 26.02 -5.15 -16.43
C TYR D 168 24.74 -5.08 -15.62
N SER D 169 24.78 -5.71 -14.46
CA SER D 169 23.65 -5.70 -13.54
C SER D 169 23.44 -4.31 -12.95
N VAL D 170 24.53 -3.56 -12.77
CA VAL D 170 24.54 -2.22 -12.18
C VAL D 170 24.29 -2.37 -10.69
N ILE D 171 23.14 -2.95 -10.33
CA ILE D 171 22.88 -3.19 -8.92
C ILE D 171 23.43 -4.62 -8.73
N SER D 172 24.70 -4.72 -8.37
CA SER D 172 25.32 -6.04 -8.17
C SER D 172 24.85 -6.72 -6.89
N SER D 173 25.12 -8.01 -6.80
CA SER D 173 24.69 -8.84 -5.67
C SER D 173 25.16 -8.32 -4.31
N ASP D 174 26.20 -7.51 -4.30
CA ASP D 174 26.69 -6.97 -3.05
C ASP D 174 25.88 -5.76 -2.61
N MET D 175 24.89 -5.37 -3.43
CA MET D 175 24.08 -4.20 -3.12
C MET D 175 22.68 -4.50 -2.58
N TYR D 176 22.43 -5.76 -2.26
CA TYR D 176 21.14 -6.13 -1.71
C TYR D 176 21.18 -7.51 -1.04
N THR D 177 20.13 -7.84 -0.31
CA THR D 177 20.06 -9.08 0.42
C THR D 177 18.93 -10.00 -0.07
N ALA D 178 19.21 -11.30 -0.14
CA ALA D 178 18.20 -12.25 -0.58
C ALA D 178 17.08 -12.26 0.46
N LEU D 179 15.84 -12.15 -0.02
CA LEU D 179 14.67 -12.13 0.87
C LEU D 179 14.60 -13.31 1.83
N ASN D 180 15.10 -14.46 1.41
CA ASN D 180 15.04 -15.61 2.29
C ASN D 180 16.13 -15.57 3.38
N LYS D 181 16.94 -14.51 3.38
CA LYS D 181 17.97 -14.33 4.39
C LYS D 181 17.71 -13.03 5.15
N ALA D 182 16.62 -12.35 4.80
CA ALA D 182 16.27 -11.08 5.44
C ALA D 182 16.22 -11.11 6.97
N GLN D 183 15.76 -12.23 7.52
CA GLN D 183 15.64 -12.39 8.96
C GLN D 183 17.00 -12.51 9.68
N ALA D 184 18.06 -12.74 8.93
CA ALA D 184 19.40 -12.86 9.51
C ALA D 184 20.12 -11.51 9.59
N GLN D 185 19.54 -10.47 8.98
CA GLN D 185 20.14 -9.14 9.02
C GLN D 185 19.94 -8.48 10.37
N LYS D 186 21.00 -7.80 10.83
CA LYS D 186 21.03 -7.09 12.11
C LYS D 186 20.17 -5.82 12.07
N GLY D 187 20.26 -5.08 10.96
CA GLY D 187 19.49 -3.85 10.83
C GLY D 187 18.76 -3.82 9.52
N ASP D 188 18.82 -2.70 8.81
CA ASP D 188 18.14 -2.58 7.54
C ASP D 188 19.00 -3.14 6.41
N PHE D 189 18.38 -3.35 5.25
CA PHE D 189 19.07 -3.91 4.09
C PHE D 189 18.31 -3.49 2.84
N ASP D 190 18.84 -3.83 1.68
CA ASP D 190 18.19 -3.49 0.42
C ASP D 190 17.67 -4.74 -0.27
N VAL D 191 16.69 -4.54 -1.15
CA VAL D 191 16.05 -5.65 -1.87
C VAL D 191 15.94 -5.42 -3.36
N VAL D 192 15.95 -6.49 -4.14
CA VAL D 192 15.74 -6.38 -5.57
C VAL D 192 14.74 -7.49 -5.87
N ALA D 193 13.51 -7.10 -6.21
CA ALA D 193 12.49 -8.10 -6.49
C ALA D 193 11.43 -7.65 -7.47
N LYS D 194 10.64 -8.62 -7.91
CA LYS D 194 9.58 -8.36 -8.84
C LYS D 194 8.29 -8.11 -8.08
N ILE D 195 7.50 -7.15 -8.56
CA ILE D 195 6.22 -6.85 -7.93
C ILE D 195 5.25 -7.86 -8.53
N LEU D 196 4.74 -8.76 -7.70
CA LEU D 196 3.80 -9.78 -8.15
C LEU D 196 2.37 -9.26 -8.06
N GLN D 197 2.14 -8.32 -7.16
CA GLN D 197 0.80 -7.79 -6.96
C GLN D 197 0.77 -6.44 -6.23
N VAL D 198 -0.15 -5.58 -6.63
CA VAL D 198 -0.32 -4.28 -5.98
C VAL D 198 -1.75 -4.30 -5.47
N HIS D 199 -1.91 -4.47 -4.16
CA HIS D 199 -3.22 -4.52 -3.54
C HIS D 199 -3.52 -3.23 -2.77
N GLU D 200 -4.56 -2.52 -3.19
CA GLU D 200 -4.95 -1.27 -2.56
C GLU D 200 -5.52 -1.59 -1.19
N LEU D 201 -4.75 -1.32 -0.16
CA LEU D 201 -5.18 -1.60 1.20
C LEU D 201 -6.19 -0.58 1.68
N ASP D 202 -5.99 0.68 1.31
CA ASP D 202 -6.90 1.76 1.69
C ASP D 202 -6.64 2.99 0.82
N GLU D 203 -7.26 4.11 1.18
CA GLU D 203 -7.16 5.38 0.48
C GLU D 203 -5.72 5.90 0.23
N TYR D 204 -4.79 5.62 1.13
CA TYR D 204 -3.43 6.13 0.91
C TYR D 204 -2.35 5.07 0.88
N THR D 205 -2.72 3.80 0.95
CA THR D 205 -1.72 2.76 1.03
C THR D 205 -1.86 1.55 0.11
N ASN D 206 -0.77 1.18 -0.55
CA ASN D 206 -0.78 -0.01 -1.40
C ASN D 206 -0.03 -1.08 -0.62
N GLU D 207 -0.39 -2.35 -0.82
CA GLU D 207 0.36 -3.42 -0.22
C GLU D 207 0.97 -4.19 -1.38
N LEU D 208 2.30 -4.15 -1.44
CA LEU D 208 3.04 -4.81 -2.49
C LEU D 208 3.35 -6.25 -2.10
N LYS D 209 3.19 -7.16 -3.06
CA LYS D 209 3.51 -8.56 -2.87
C LYS D 209 4.77 -8.70 -3.70
N LEU D 210 5.88 -8.98 -3.02
CA LEU D 210 7.18 -9.08 -3.68
C LEU D 210 7.76 -10.49 -3.68
N LYS D 211 8.56 -10.77 -4.68
CA LYS D 211 9.22 -12.08 -4.77
C LYS D 211 10.55 -11.82 -5.46
N ASP D 212 11.65 -12.29 -4.90
CA ASP D 212 12.96 -12.06 -5.51
C ASP D 212 13.56 -13.35 -6.06
N ALA D 213 14.82 -13.30 -6.47
CA ALA D 213 15.47 -14.47 -7.05
C ALA D 213 15.59 -15.68 -6.13
N SER D 214 15.51 -15.46 -4.82
CA SER D 214 15.61 -16.53 -3.85
C SER D 214 14.30 -17.31 -3.76
N GLY D 215 13.26 -16.79 -4.41
CA GLY D 215 11.97 -17.45 -4.37
C GLY D 215 11.10 -17.11 -3.17
N GLN D 216 11.60 -16.29 -2.25
CA GLN D 216 10.83 -15.91 -1.05
C GLN D 216 9.83 -14.81 -1.37
N VAL D 217 8.65 -14.90 -0.76
CA VAL D 217 7.62 -13.88 -0.95
C VAL D 217 7.53 -13.00 0.29
N PHE D 218 7.44 -11.69 0.08
CA PHE D 218 7.30 -10.74 1.17
C PHE D 218 6.26 -9.71 0.77
N TYR D 219 5.64 -9.10 1.78
CA TYR D 219 4.68 -8.04 1.57
C TYR D 219 5.28 -6.80 2.23
N THR D 220 4.90 -5.63 1.72
CA THR D 220 5.35 -4.37 2.30
C THR D 220 4.34 -3.27 1.95
N LEU D 221 4.18 -2.29 2.84
CA LEU D 221 3.25 -1.19 2.57
C LEU D 221 3.96 -0.09 1.81
N SER D 222 3.32 0.35 0.73
CA SER D 222 3.87 1.37 -0.15
C SER D 222 2.85 2.50 -0.35
N LEU D 223 3.10 3.65 0.28
CA LEU D 223 2.20 4.79 0.17
C LEU D 223 1.99 5.16 -1.29
N LYS D 224 0.74 5.43 -1.66
CA LYS D 224 0.39 5.79 -3.05
C LYS D 224 1.06 7.06 -3.53
N LEU D 225 1.02 8.10 -2.69
CA LEU D 225 1.58 9.38 -3.05
C LEU D 225 3.09 9.34 -3.23
N LYS D 226 3.76 8.63 -2.33
CA LYS D 226 5.22 8.52 -2.36
C LYS D 226 5.74 7.66 -3.52
N PHE D 227 5.08 6.54 -3.77
CA PHE D 227 5.50 5.61 -4.82
C PHE D 227 4.36 5.31 -5.83
N PRO D 228 3.96 6.33 -6.62
CA PRO D 228 2.88 6.14 -7.60
C PRO D 228 3.28 5.32 -8.83
N HIS D 229 4.55 4.97 -8.94
CA HIS D 229 5.01 4.22 -10.09
C HIS D 229 5.06 2.71 -9.94
N VAL D 230 4.64 2.17 -8.80
CA VAL D 230 4.64 0.72 -8.62
C VAL D 230 3.68 0.08 -9.60
N ARG D 231 4.12 -0.99 -10.27
CA ARG D 231 3.28 -1.68 -11.24
C ARG D 231 3.50 -3.18 -11.17
N THR D 232 2.42 -3.94 -11.30
CA THR D 232 2.53 -5.39 -11.28
C THR D 232 3.41 -5.91 -12.43
N GLY D 233 4.25 -6.89 -12.12
CA GLY D 233 5.14 -7.48 -13.12
C GLY D 233 6.47 -6.77 -13.29
N GLU D 234 6.61 -5.61 -12.67
CA GLU D 234 7.85 -4.84 -12.78
C GLU D 234 8.86 -5.16 -11.70
N VAL D 235 10.12 -4.98 -12.02
CA VAL D 235 11.19 -5.24 -11.08
C VAL D 235 11.66 -3.93 -10.48
N VAL D 236 11.81 -3.91 -9.16
CA VAL D 236 12.27 -2.72 -8.45
C VAL D 236 13.38 -3.02 -7.45
N ARG D 237 14.09 -1.98 -7.07
CA ARG D 237 15.13 -2.09 -6.06
C ARG D 237 14.55 -1.32 -4.90
N ILE D 238 14.59 -1.91 -3.71
CA ILE D 238 14.10 -1.20 -2.57
C ILE D 238 15.29 -0.82 -1.70
N ARG D 239 15.49 0.49 -1.53
CA ARG D 239 16.57 1.00 -0.71
C ARG D 239 16.07 1.13 0.72
N SER D 240 16.64 0.34 1.61
CA SER D 240 16.36 0.34 3.05
C SER D 240 15.06 -0.26 3.58
N ALA D 241 15.13 -1.53 3.95
CA ALA D 241 14.00 -2.24 4.52
C ALA D 241 14.47 -3.03 5.73
N THR D 242 13.55 -3.31 6.65
CA THR D 242 13.88 -4.12 7.80
C THR D 242 12.88 -5.26 7.87
N TYR D 243 13.31 -6.37 8.47
CA TYR D 243 12.47 -7.55 8.61
C TYR D 243 11.55 -7.29 9.78
N ASP D 244 10.25 -7.55 9.61
CA ASP D 244 9.29 -7.31 10.69
C ASP D 244 9.15 -8.54 11.58
N GLU D 245 9.65 -8.46 12.81
CA GLU D 245 9.59 -9.59 13.73
C GLU D 245 8.20 -9.79 14.33
N THR D 246 7.36 -8.76 14.26
CA THR D 246 6.02 -8.85 14.82
C THR D 246 4.96 -9.41 13.89
N SER D 247 5.32 -9.69 12.65
CA SER D 247 4.34 -10.25 11.73
C SER D 247 4.49 -11.76 11.72
N THR D 248 3.46 -12.43 12.20
CA THR D 248 3.47 -13.87 12.30
C THR D 248 2.69 -14.54 11.18
N GLN D 249 1.63 -13.88 10.71
CA GLN D 249 0.78 -14.43 9.66
C GLN D 249 1.42 -14.36 8.27
N LYS D 250 2.30 -13.40 8.07
CA LYS D 250 2.96 -13.27 6.77
C LYS D 250 4.28 -12.53 6.89
N LYS D 251 5.15 -12.74 5.90
CA LYS D 251 6.46 -12.11 5.87
C LYS D 251 6.27 -10.66 5.44
N VAL D 252 6.71 -9.75 6.29
CA VAL D 252 6.57 -8.32 6.04
C VAL D 252 7.87 -7.52 6.14
N LEU D 253 8.07 -6.61 5.18
CA LEU D 253 9.21 -5.73 5.17
C LEU D 253 8.68 -4.37 5.64
N ILE D 254 9.47 -3.68 6.46
CA ILE D 254 9.08 -2.36 6.97
C ILE D 254 9.93 -1.31 6.29
N LEU D 255 9.29 -0.26 5.77
CA LEU D 255 10.01 0.81 5.10
C LEU D 255 9.97 2.04 5.99
N SER D 256 10.91 2.97 5.76
CA SER D 256 11.00 4.20 6.54
C SER D 256 10.80 5.43 5.65
N HIS D 257 10.67 6.61 6.24
CA HIS D 257 10.47 7.79 5.40
C HIS D 257 11.63 8.01 4.42
N TYR D 258 12.83 7.56 4.78
CA TYR D 258 13.95 7.72 3.85
C TYR D 258 14.09 6.58 2.84
N SER D 259 13.34 5.50 3.02
CA SER D 259 13.37 4.35 2.10
C SER D 259 12.89 4.76 0.71
N ASN D 260 13.36 4.05 -0.32
CA ASN D 260 12.99 4.38 -1.69
C ASN D 260 12.71 3.13 -2.52
N ILE D 261 11.75 3.22 -3.44
CA ILE D 261 11.46 2.08 -4.30
C ILE D 261 11.78 2.58 -5.70
N ILE D 262 12.71 1.89 -6.35
CA ILE D 262 13.20 2.33 -7.65
C ILE D 262 13.10 1.30 -8.78
N THR D 263 12.61 1.75 -9.94
CA THR D 263 12.50 0.87 -11.10
C THR D 263 13.77 1.02 -11.93
N PHE D 264 13.86 0.30 -13.04
CA PHE D 264 15.05 0.36 -13.89
C PHE D 264 14.76 0.88 -15.29
N ILE D 265 15.75 1.49 -15.92
CA ILE D 265 15.52 1.96 -17.27
C ILE D 265 15.37 0.74 -18.17
N GLN D 266 14.62 0.94 -19.26
CA GLN D 266 14.31 -0.10 -20.24
C GLN D 266 15.46 -1.04 -20.60
N SER D 267 16.67 -0.50 -20.71
CA SER D 267 17.83 -1.30 -21.08
C SER D 267 18.42 -2.21 -20.01
N SER D 268 17.93 -2.11 -18.77
CA SER D 268 18.45 -2.91 -17.67
C SER D 268 18.43 -4.41 -17.87
N LYS D 269 19.64 -4.98 -17.95
CA LYS D 269 19.82 -6.40 -18.13
C LYS D 269 19.24 -7.12 -16.91
N LEU D 270 19.53 -6.59 -15.73
CA LEU D 270 19.04 -7.18 -14.50
C LEU D 270 17.52 -7.21 -14.44
N ALA D 271 16.89 -6.10 -14.76
CA ALA D 271 15.44 -6.01 -14.73
C ALA D 271 14.81 -6.98 -15.73
N LYS D 272 15.39 -7.06 -16.92
CA LYS D 272 14.89 -7.95 -17.95
C LYS D 272 14.98 -9.41 -17.51
N GLU D 273 16.14 -9.83 -17.00
CA GLU D 273 16.29 -11.21 -16.56
C GLU D 273 15.36 -11.57 -15.40
N LEU D 274 15.17 -10.64 -14.48
CA LEU D 274 14.30 -10.91 -13.33
C LEU D 274 12.82 -10.94 -13.72
N ARG D 275 12.42 -10.10 -14.67
CA ARG D 275 11.02 -10.13 -15.08
C ARG D 275 10.70 -11.52 -15.63
N ALA D 276 11.63 -12.12 -16.36
CA ALA D 276 11.45 -13.44 -16.96
C ALA D 276 11.69 -14.60 -16.00
N LYS D 277 12.72 -14.49 -15.19
CA LYS D 277 13.07 -15.55 -14.25
C LYS D 277 12.08 -15.73 -13.10
N ILE D 278 11.74 -14.63 -12.43
CA ILE D 278 10.83 -14.71 -11.29
C ILE D 278 9.39 -14.94 -11.74
N GLN D 279 8.82 -16.06 -11.33
CA GLN D 279 7.45 -16.35 -11.72
C GLN D 279 6.44 -16.27 -10.59
N ASP D 280 5.26 -15.78 -10.95
CA ASP D 280 4.17 -15.60 -10.02
C ASP D 280 4.06 -16.79 -9.08
N ASP D 281 3.63 -16.52 -7.87
CA ASP D 281 3.48 -17.55 -6.86
C ASP D 281 2.09 -17.40 -6.26
N HIS D 282 1.40 -18.52 -6.05
CA HIS D 282 0.08 -18.50 -5.44
C HIS D 282 0.05 -19.43 -4.25
N SER D 283 1.23 -19.85 -3.81
CA SER D 283 1.32 -20.75 -2.66
C SER D 283 0.70 -20.11 -1.41
N VAL D 284 0.97 -18.83 -1.21
CA VAL D 284 0.44 -18.13 -0.04
C VAL D 284 -1.09 -18.07 -0.08
N GLU D 285 -1.64 -17.88 -1.28
CA GLU D 285 -3.08 -17.79 -1.45
C GLU D 285 -3.73 -19.16 -1.22
N VAL D 286 -3.12 -20.19 -1.77
CA VAL D 286 -3.65 -21.54 -1.62
C VAL D 286 -3.67 -21.96 -0.16
N ALA D 287 -2.66 -21.54 0.59
CA ALA D 287 -2.59 -21.90 1.99
C ALA D 287 -3.60 -21.13 2.82
N SER D 288 -3.81 -19.85 2.46
CA SER D 288 -4.73 -19.00 3.19
C SER D 288 -6.17 -19.48 3.10
N LEU D 289 -6.52 -20.09 1.98
CA LEU D 289 -7.88 -20.56 1.78
C LEU D 289 -8.24 -21.70 2.73
N LYS D 290 -7.26 -22.26 3.41
CA LYS D 290 -7.51 -23.35 4.35
C LYS D 290 -7.79 -22.81 5.74
N LYS D 291 -7.53 -21.52 5.94
CA LYS D 291 -7.76 -20.89 7.23
C LYS D 291 -9.12 -20.19 7.29
N ASN D 292 -9.72 -20.19 8.47
CA ASN D 292 -11.02 -19.55 8.66
C ASN D 292 -10.87 -18.05 8.48
N VAL D 293 -9.70 -17.53 8.82
CA VAL D 293 -9.43 -16.10 8.69
C VAL D 293 -8.00 -15.89 8.20
N SER D 294 -7.86 -15.34 7.00
CA SER D 294 -6.54 -15.09 6.44
C SER D 294 -6.18 -13.61 6.48
N LEU D 295 -5.01 -13.30 7.02
CA LEU D 295 -4.57 -11.91 7.06
C LEU D 295 -3.89 -11.57 5.74
N ASN D 296 -3.89 -12.53 4.82
CA ASN D 296 -3.31 -12.32 3.50
C ASN D 296 -4.43 -12.16 2.47
N ALA D 297 -4.28 -11.16 1.61
CA ALA D 297 -5.26 -10.88 0.57
C ALA D 297 -5.16 -11.91 -0.55
N VAL D 298 -6.29 -12.25 -1.16
CA VAL D 298 -6.31 -13.21 -2.24
C VAL D 298 -7.15 -12.69 -3.41
N VAL D 299 -6.51 -12.43 -4.54
CA VAL D 299 -7.23 -12.00 -5.73
C VAL D 299 -7.70 -13.31 -6.40
N LEU D 300 -9.01 -13.53 -6.36
CA LEU D 300 -9.62 -14.75 -6.89
C LEU D 300 -9.78 -14.85 -8.39
N THR D 301 -9.56 -13.75 -9.10
CA THR D 301 -9.77 -13.77 -10.55
C THR D 301 -8.66 -13.15 -11.36
N GLU D 302 -8.76 -13.32 -12.68
CA GLU D 302 -7.80 -12.75 -13.60
C GLU D 302 -8.59 -12.29 -14.83
N VAL D 303 -8.13 -11.21 -15.44
CA VAL D 303 -8.81 -10.70 -16.61
C VAL D 303 -8.08 -11.15 -17.87
N ASP D 304 -8.82 -11.24 -18.96
CA ASP D 304 -8.27 -11.66 -20.25
C ASP D 304 -7.03 -10.82 -20.54
N LYS D 305 -6.03 -11.45 -21.15
CA LYS D 305 -4.76 -10.79 -21.48
C LYS D 305 -4.95 -9.46 -22.22
N LYS D 306 -5.95 -9.36 -23.06
CA LYS D 306 -6.19 -8.14 -23.82
C LYS D 306 -6.60 -6.95 -22.96
N HIS D 307 -6.82 -7.18 -21.67
CA HIS D 307 -7.19 -6.10 -20.76
C HIS D 307 -6.11 -5.81 -19.72
N ALA D 308 -5.09 -6.66 -19.67
CA ALA D 308 -4.00 -6.48 -18.71
C ALA D 308 -3.39 -5.09 -18.73
N ALA D 309 -3.52 -4.39 -19.86
CA ALA D 309 -2.98 -3.05 -19.99
C ALA D 309 -4.03 -1.98 -19.73
N LEU D 310 -5.23 -2.40 -19.34
CA LEU D 310 -6.30 -1.45 -19.07
C LEU D 310 -6.17 -0.92 -17.65
N PRO D 311 -6.27 0.40 -17.48
CA PRO D 311 -6.17 1.02 -16.16
C PRO D 311 -7.43 0.74 -15.35
N SER D 312 -7.28 0.68 -14.03
CA SER D 312 -8.41 0.40 -13.16
C SER D 312 -9.17 1.65 -12.74
N THR D 313 -10.46 1.45 -12.44
CA THR D 313 -11.34 2.52 -12.02
C THR D 313 -12.02 2.09 -10.73
N SER D 314 -11.91 2.94 -9.71
CA SER D 314 -12.49 2.68 -8.41
C SER D 314 -14.02 2.67 -8.42
N LEU D 315 -14.61 2.07 -7.40
CA LEU D 315 -16.06 2.00 -7.27
C LEU D 315 -16.63 3.41 -7.10
N GLN D 316 -15.87 4.27 -6.42
CA GLN D 316 -16.30 5.64 -6.18
C GLN D 316 -16.56 6.33 -7.53
N ASP D 317 -15.62 6.23 -8.45
CA ASP D 317 -15.79 6.85 -9.76
C ASP D 317 -16.86 6.15 -10.59
N LEU D 318 -16.87 4.81 -10.54
CA LEU D 318 -17.81 4.01 -11.30
C LEU D 318 -19.28 4.26 -10.94
N PHE D 319 -19.58 4.37 -9.66
CA PHE D 319 -20.95 4.59 -9.24
C PHE D 319 -21.33 6.01 -8.86
N HIS D 320 -20.34 6.86 -8.58
CA HIS D 320 -20.62 8.23 -8.17
C HIS D 320 -20.17 9.34 -9.12
N HIS D 321 -19.41 9.00 -10.16
CA HIS D 321 -18.91 10.00 -11.10
C HIS D 321 -19.01 9.59 -12.56
N ALA D 322 -19.44 8.36 -12.84
CA ALA D 322 -19.53 7.91 -14.23
C ALA D 322 -20.59 8.64 -15.07
N ASP D 323 -21.45 9.41 -14.41
CA ASP D 323 -22.46 10.17 -15.14
C ASP D 323 -22.19 11.67 -15.10
N SER D 324 -21.07 12.08 -14.52
CA SER D 324 -20.75 13.49 -14.46
C SER D 324 -19.32 13.82 -14.88
N ASP D 325 -18.48 12.80 -15.03
CA ASP D 325 -17.09 12.98 -15.45
C ASP D 325 -16.93 12.73 -16.95
N LYS D 326 -16.46 13.75 -17.65
CA LYS D 326 -16.25 13.66 -19.10
C LYS D 326 -15.53 12.38 -19.52
N GLU D 327 -14.39 12.12 -18.89
CA GLU D 327 -13.59 10.95 -19.22
C GLU D 327 -14.32 9.63 -18.95
N LEU D 328 -15.06 9.56 -17.86
CA LEU D 328 -15.78 8.34 -17.53
C LEU D 328 -17.02 8.14 -18.41
N GLN D 329 -17.58 9.23 -18.93
CA GLN D 329 -18.78 9.14 -19.77
C GLN D 329 -18.47 8.61 -21.17
N ALA D 330 -17.22 8.72 -21.58
CA ALA D 330 -16.79 8.28 -22.90
C ALA D 330 -16.44 6.78 -22.99
N GLN D 331 -16.32 6.12 -21.85
CA GLN D 331 -15.99 4.70 -21.82
C GLN D 331 -17.20 3.83 -21.45
N ASP D 332 -17.24 2.62 -22.00
CA ASP D 332 -18.33 1.69 -21.69
C ASP D 332 -17.74 0.48 -20.98
N THR D 333 -16.44 0.26 -21.18
CA THR D 333 -15.74 -0.87 -20.58
C THR D 333 -14.74 -0.36 -19.53
N PHE D 334 -14.75 -0.96 -18.35
CA PHE D 334 -13.83 -0.56 -17.28
C PHE D 334 -13.24 -1.78 -16.59
N ARG D 335 -12.16 -1.54 -15.84
CA ARG D 335 -11.51 -2.58 -15.06
C ARG D 335 -11.55 -2.05 -13.63
N THR D 336 -11.83 -2.91 -12.67
CA THR D 336 -11.90 -2.46 -11.30
C THR D 336 -11.62 -3.61 -10.33
N GLN D 337 -11.48 -3.28 -9.05
CA GLN D 337 -11.23 -4.27 -8.02
C GLN D 337 -12.19 -4.07 -6.86
N PHE D 338 -12.61 -5.16 -6.21
CA PHE D 338 -13.53 -5.03 -5.10
C PHE D 338 -13.65 -6.35 -4.38
N TYR D 339 -14.34 -6.34 -3.25
CA TYR D 339 -14.60 -7.58 -2.54
C TYR D 339 -16.11 -7.73 -2.46
N VAL D 340 -16.56 -8.98 -2.51
CA VAL D 340 -17.98 -9.30 -2.47
C VAL D 340 -18.53 -9.38 -1.06
N THR D 341 -19.51 -8.55 -0.73
CA THR D 341 -20.11 -8.57 0.60
C THR D 341 -21.24 -9.57 0.70
N LYS D 342 -22.00 -9.71 -0.38
CA LYS D 342 -23.13 -10.62 -0.41
C LYS D 342 -23.42 -10.99 -1.86
N ILE D 343 -23.98 -12.18 -2.06
CA ILE D 343 -24.32 -12.65 -3.41
C ILE D 343 -25.80 -12.99 -3.50
N GLU D 344 -26.46 -12.47 -4.53
CA GLU D 344 -27.88 -12.71 -4.72
C GLU D 344 -28.09 -13.39 -6.07
N PRO D 345 -29.07 -14.31 -6.15
CA PRO D 345 -29.97 -14.72 -5.06
C PRO D 345 -29.22 -15.53 -4.01
N SER D 346 -29.74 -15.58 -2.80
CA SER D 346 -29.12 -16.31 -1.69
C SER D 346 -28.96 -17.79 -1.96
N ASP D 347 -29.98 -18.40 -2.57
CA ASP D 347 -29.94 -19.83 -2.87
C ASP D 347 -29.06 -20.01 -4.11
N VAL D 348 -27.91 -20.65 -3.94
CA VAL D 348 -26.99 -20.89 -5.06
C VAL D 348 -27.68 -21.61 -6.22
N LYS D 349 -28.66 -22.45 -5.89
CA LYS D 349 -29.38 -23.22 -6.90
C LYS D 349 -30.14 -22.32 -7.88
N GLU D 350 -30.43 -21.09 -7.46
CA GLU D 350 -31.14 -20.14 -8.32
C GLU D 350 -30.21 -19.26 -9.14
N TRP D 351 -28.90 -19.47 -9.02
CA TRP D 351 -27.95 -18.67 -9.78
C TRP D 351 -28.13 -18.90 -11.28
N VAL D 352 -28.57 -20.09 -11.65
CA VAL D 352 -28.81 -20.37 -13.06
C VAL D 352 -30.30 -20.40 -13.29
N LYS D 353 -30.74 -19.63 -14.28
CA LYS D 353 -32.15 -19.53 -14.61
C LYS D 353 -32.35 -19.87 -16.07
N GLY D 354 -33.59 -20.21 -16.41
CA GLY D 354 -33.91 -20.52 -17.79
C GLY D 354 -34.26 -19.19 -18.43
N TYR D 355 -33.76 -18.93 -19.63
CA TYR D 355 -34.01 -17.66 -20.29
C TYR D 355 -34.71 -17.82 -21.64
N ASP D 356 -35.71 -16.97 -21.87
CA ASP D 356 -36.47 -16.97 -23.11
C ASP D 356 -36.00 -15.76 -23.91
N ARG D 357 -35.22 -16.01 -24.96
CA ARG D 357 -34.69 -14.93 -25.79
C ARG D 357 -35.72 -14.14 -26.59
N LYS D 358 -36.97 -14.55 -26.56
CA LYS D 358 -38.01 -13.84 -27.29
C LYS D 358 -38.77 -12.87 -26.40
N THR D 359 -39.02 -13.26 -25.16
CA THR D 359 -39.73 -12.39 -24.22
C THR D 359 -38.78 -11.68 -23.27
N LYS D 360 -37.49 -11.93 -23.43
CA LYS D 360 -36.48 -11.33 -22.56
C LYS D 360 -36.81 -11.55 -21.09
N LYS D 361 -37.31 -12.75 -20.77
CA LYS D 361 -37.64 -13.10 -19.40
C LYS D 361 -36.87 -14.34 -18.94
N SER D 362 -36.60 -14.40 -17.65
CA SER D 362 -35.88 -15.53 -17.08
C SER D 362 -36.78 -16.15 -16.03
N SER D 363 -36.53 -17.40 -15.68
CA SER D 363 -37.34 -18.07 -14.67
C SER D 363 -36.59 -19.18 -13.97
N SER D 364 -37.13 -19.60 -12.83
CA SER D 364 -36.50 -20.67 -12.05
C SER D 364 -36.56 -22.01 -12.77
N LEU D 365 -35.51 -22.81 -12.58
CA LEU D 365 -35.42 -24.12 -13.19
C LEU D 365 -35.91 -25.18 -12.25
N LYS D 366 -36.42 -24.78 -11.10
CA LYS D 366 -36.91 -25.73 -10.14
C LYS D 366 -38.04 -26.53 -10.79
N GLY D 367 -38.55 -25.99 -11.90
CA GLY D 367 -39.60 -26.65 -12.66
C GLY D 367 -39.04 -27.31 -13.91
N ALA D 368 -37.73 -27.18 -14.09
CA ALA D 368 -36.99 -27.78 -15.21
C ALA D 368 -36.95 -27.00 -16.54
N SER D 369 -36.37 -27.66 -17.54
CA SER D 369 -36.17 -27.14 -18.91
C SER D 369 -37.24 -26.23 -19.54
N GLY D 370 -38.46 -26.24 -19.00
CA GLY D 370 -39.51 -25.41 -19.57
C GLY D 370 -39.30 -23.92 -19.50
N LYS D 371 -38.05 -23.48 -19.32
CA LYS D 371 -37.77 -22.06 -19.21
C LYS D 371 -36.83 -21.49 -20.28
N GLY D 372 -36.29 -22.36 -21.12
CA GLY D 372 -35.40 -21.91 -22.19
C GLY D 372 -33.92 -22.18 -21.95
N ASP D 373 -33.06 -21.41 -22.63
CA ASP D 373 -31.61 -21.57 -22.48
C ASP D 373 -31.17 -21.24 -21.05
N ASN D 374 -30.21 -22.00 -20.54
CA ASN D 374 -29.71 -21.76 -19.20
C ASN D 374 -28.68 -20.64 -19.16
N ILE D 375 -28.82 -19.75 -18.19
CA ILE D 375 -27.88 -18.65 -18.05
C ILE D 375 -27.64 -18.33 -16.60
N PHE D 376 -26.55 -17.61 -16.36
CA PHE D 376 -26.24 -17.17 -15.01
C PHE D 376 -26.90 -15.81 -14.82
N GLN D 377 -27.54 -15.62 -13.67
CA GLN D 377 -28.14 -14.33 -13.36
C GLN D 377 -27.76 -14.08 -11.90
N VAL D 378 -26.53 -13.63 -11.72
CA VAL D 378 -25.99 -13.39 -10.39
C VAL D 378 -25.73 -11.91 -10.13
N GLN D 379 -26.05 -11.45 -8.93
CA GLN D 379 -25.86 -10.06 -8.57
C GLN D 379 -24.93 -9.96 -7.37
N PHE D 380 -23.76 -9.38 -7.59
CA PHE D 380 -22.80 -9.23 -6.51
C PHE D 380 -23.02 -7.88 -5.86
N LEU D 381 -22.99 -7.86 -4.53
CA LEU D 381 -23.08 -6.60 -3.78
C LEU D 381 -21.60 -6.43 -3.35
N VAL D 382 -20.93 -5.42 -3.88
CA VAL D 382 -19.51 -5.20 -3.61
C VAL D 382 -19.12 -3.90 -2.91
N LYS D 383 -17.84 -3.80 -2.56
CA LYS D 383 -17.29 -2.63 -1.88
C LYS D 383 -15.78 -2.60 -2.16
N ASP D 384 -15.15 -1.44 -2.01
CA ASP D 384 -13.72 -1.33 -2.24
C ASP D 384 -13.07 -0.31 -1.31
N ALA D 385 -11.79 -0.04 -1.53
CA ALA D 385 -11.06 0.92 -0.69
C ALA D 385 -11.66 2.32 -0.79
N SER D 386 -11.91 2.78 -2.02
CA SER D 386 -12.46 4.12 -2.23
C SER D 386 -13.82 4.38 -1.60
N THR D 387 -14.56 3.33 -1.28
CA THR D 387 -15.89 3.46 -0.71
C THR D 387 -15.97 2.72 0.62
N GLN D 388 -14.81 2.37 1.15
CA GLN D 388 -14.70 1.63 2.40
C GLN D 388 -15.49 2.16 3.60
N LEU D 389 -15.48 3.46 3.80
CA LEU D 389 -16.15 4.05 4.94
C LEU D 389 -17.62 4.41 4.77
N ASN D 390 -18.10 4.60 3.54
CA ASN D 390 -19.50 4.96 3.38
C ASN D 390 -20.47 3.84 3.74
N ASN D 391 -21.75 4.16 3.78
CA ASN D 391 -22.79 3.19 4.15
C ASN D 391 -23.41 2.51 2.92
N ASN D 392 -22.62 2.37 1.87
CA ASN D 392 -23.10 1.76 0.64
C ASN D 392 -22.45 0.43 0.29
N THR D 393 -23.12 -0.25 -0.62
CA THR D 393 -22.67 -1.50 -1.18
C THR D 393 -23.10 -1.33 -2.63
N TYR D 394 -22.35 -1.87 -3.58
CA TYR D 394 -22.69 -1.67 -4.98
C TYR D 394 -22.95 -2.94 -5.75
N ARG D 395 -23.91 -2.85 -6.67
CA ARG D 395 -24.30 -3.98 -7.48
C ARG D 395 -23.46 -4.17 -8.72
N VAL D 396 -22.94 -5.37 -8.87
CA VAL D 396 -22.16 -5.75 -10.03
C VAL D 396 -22.82 -7.03 -10.50
N LEU D 397 -23.24 -7.03 -11.77
CA LEU D 397 -23.95 -8.15 -12.34
C LEU D 397 -23.16 -9.19 -13.13
N LEU D 398 -23.69 -10.41 -13.11
CA LEU D 398 -23.12 -11.51 -13.87
C LEU D 398 -24.35 -12.11 -14.55
N TYR D 399 -24.72 -11.49 -15.68
CA TYR D 399 -25.87 -11.90 -16.50
C TYR D 399 -25.24 -12.32 -17.81
N THR D 400 -25.17 -13.62 -18.02
CA THR D 400 -24.49 -14.18 -19.19
C THR D 400 -25.35 -14.54 -20.40
N GLN D 401 -26.63 -14.18 -20.38
CA GLN D 401 -27.49 -14.52 -21.51
C GLN D 401 -26.93 -14.14 -22.88
N ASP D 402 -26.10 -13.10 -22.94
CA ASP D 402 -25.52 -12.66 -24.21
C ASP D 402 -24.06 -13.04 -24.35
N GLY D 403 -23.60 -13.90 -23.45
CA GLY D 403 -22.23 -14.36 -23.52
C GLY D 403 -21.24 -13.64 -22.62
N LEU D 404 -21.66 -12.55 -21.98
CA LEU D 404 -20.76 -11.81 -21.10
C LEU D 404 -20.54 -12.47 -19.74
N GLY D 405 -19.30 -12.89 -19.50
CA GLY D 405 -18.98 -13.54 -18.24
C GLY D 405 -19.45 -14.98 -18.12
N ALA D 406 -19.78 -15.61 -19.24
CA ALA D 406 -20.26 -16.99 -19.23
C ALA D 406 -19.34 -17.99 -18.53
N ASN D 407 -18.03 -17.80 -18.69
CA ASN D 407 -17.04 -18.69 -18.09
C ASN D 407 -16.45 -18.21 -16.76
N PHE D 408 -17.08 -17.21 -16.15
CA PHE D 408 -16.59 -16.66 -14.89
C PHE D 408 -16.31 -17.70 -13.82
N PHE D 409 -17.22 -18.64 -13.65
CA PHE D 409 -17.08 -19.68 -12.63
C PHE D 409 -16.34 -20.94 -13.09
N ASN D 410 -15.89 -20.97 -14.34
CA ASN D 410 -15.23 -22.15 -14.87
C ASN D 410 -16.23 -23.31 -14.78
N VAL D 411 -17.50 -22.95 -14.82
CA VAL D 411 -18.59 -23.92 -14.75
C VAL D 411 -19.68 -23.46 -15.73
N LYS D 412 -19.88 -24.23 -16.80
CA LYS D 412 -20.90 -23.87 -17.78
C LYS D 412 -22.26 -23.88 -17.10
N ALA D 413 -23.10 -22.90 -17.41
CA ALA D 413 -24.43 -22.84 -16.80
C ALA D 413 -25.13 -24.20 -16.94
N ASP D 414 -25.94 -24.54 -15.95
CA ASP D 414 -26.64 -25.81 -15.96
C ASP D 414 -27.67 -25.76 -14.86
N ASN D 415 -28.65 -26.65 -14.91
CA ASN D 415 -29.69 -26.72 -13.90
C ASN D 415 -29.03 -27.16 -12.58
N LEU D 416 -28.82 -26.21 -11.68
CA LEU D 416 -28.19 -26.52 -10.41
C LEU D 416 -29.08 -27.36 -9.51
N HIS D 417 -30.37 -27.44 -9.84
CA HIS D 417 -31.29 -28.26 -9.06
C HIS D 417 -31.03 -29.75 -9.35
N LYS D 418 -30.45 -30.03 -10.51
CA LYS D 418 -30.17 -31.41 -10.92
C LYS D 418 -28.71 -31.81 -11.04
N ASN D 419 -27.84 -30.87 -11.42
CA ASN D 419 -26.41 -31.17 -11.57
C ASN D 419 -25.70 -30.90 -10.26
N ALA D 420 -25.54 -31.93 -9.44
CA ALA D 420 -24.90 -31.80 -8.14
C ALA D 420 -23.47 -31.30 -8.26
N ASP D 421 -22.74 -31.79 -9.26
CA ASP D 421 -21.36 -31.39 -9.44
C ASP D 421 -21.25 -29.87 -9.66
N ALA D 422 -22.11 -29.33 -10.53
CA ALA D 422 -22.06 -27.91 -10.80
C ALA D 422 -22.49 -27.12 -9.58
N ARG D 423 -23.53 -27.60 -8.91
CA ARG D 423 -24.02 -26.91 -7.71
C ARG D 423 -22.93 -26.80 -6.64
N LYS D 424 -22.24 -27.92 -6.38
CA LYS D 424 -21.19 -27.95 -5.38
C LYS D 424 -20.02 -27.01 -5.69
N LYS D 425 -19.59 -26.95 -6.96
CA LYS D 425 -18.48 -26.06 -7.30
C LYS D 425 -18.86 -24.61 -7.07
N LEU D 426 -20.10 -24.25 -7.41
CA LEU D 426 -20.55 -22.88 -7.23
C LEU D 426 -20.72 -22.54 -5.76
N GLU D 427 -21.18 -23.50 -4.97
CA GLU D 427 -21.34 -23.26 -3.53
C GLU D 427 -19.98 -22.98 -2.90
N ASP D 428 -18.93 -23.68 -3.36
CA ASP D 428 -17.59 -23.47 -2.82
C ASP D 428 -17.09 -22.09 -3.24
N SER D 429 -17.31 -21.74 -4.51
CA SER D 429 -16.87 -20.43 -5.00
C SER D 429 -17.58 -19.33 -4.21
N ALA D 430 -18.84 -19.57 -3.87
CA ALA D 430 -19.61 -18.59 -3.09
C ALA D 430 -18.95 -18.32 -1.73
N GLU D 431 -18.54 -19.38 -1.02
CA GLU D 431 -17.90 -19.17 0.28
C GLU D 431 -16.60 -18.41 0.13
N LEU D 432 -15.87 -18.70 -0.94
CA LEU D 432 -14.60 -18.02 -1.21
C LEU D 432 -14.78 -16.53 -1.53
N LEU D 433 -15.80 -16.20 -2.31
CA LEU D 433 -16.07 -14.81 -2.70
C LEU D 433 -16.50 -13.90 -1.56
N THR D 434 -17.28 -14.43 -0.63
CA THR D 434 -17.74 -13.65 0.51
C THR D 434 -16.78 -13.70 1.72
N LYS D 435 -15.72 -14.50 1.62
CA LYS D 435 -14.76 -14.63 2.71
C LYS D 435 -13.90 -13.36 2.85
N PHE D 436 -13.63 -12.95 4.09
CA PHE D 436 -12.79 -11.78 4.31
C PHE D 436 -11.45 -11.95 3.61
N ASN D 437 -10.94 -10.83 3.09
CA ASN D 437 -9.67 -10.76 2.36
C ASN D 437 -9.70 -11.35 0.94
N SER D 438 -10.84 -11.82 0.48
CA SER D 438 -10.94 -12.29 -0.90
C SER D 438 -11.30 -11.07 -1.74
N TYR D 439 -10.66 -10.90 -2.87
CA TYR D 439 -10.96 -9.78 -3.74
C TYR D 439 -11.15 -10.23 -5.19
N VAL D 440 -11.80 -9.38 -5.98
CA VAL D 440 -12.03 -9.67 -7.39
C VAL D 440 -11.40 -8.59 -8.26
N ASP D 441 -10.78 -9.01 -9.35
CA ASP D 441 -10.14 -8.12 -10.32
C ASP D 441 -10.97 -8.43 -11.55
N ALA D 442 -11.72 -7.46 -12.05
CA ALA D 442 -12.55 -7.71 -13.20
C ALA D 442 -12.79 -6.56 -14.15
N VAL D 443 -13.10 -6.93 -15.38
CA VAL D 443 -13.44 -5.96 -16.39
C VAL D 443 -14.97 -5.98 -16.45
N VAL D 444 -15.57 -4.80 -16.53
CA VAL D 444 -17.03 -4.70 -16.58
C VAL D 444 -17.45 -3.84 -17.76
N GLU D 445 -18.65 -4.10 -18.28
CA GLU D 445 -19.19 -3.33 -19.38
C GLU D 445 -20.44 -2.64 -18.87
N ARG D 446 -20.52 -1.34 -19.11
CA ARG D 446 -21.66 -0.56 -18.68
C ARG D 446 -22.83 -0.78 -19.63
N ARG D 447 -24.00 -1.09 -19.09
CA ARG D 447 -25.16 -1.30 -19.92
C ARG D 447 -26.41 -0.85 -19.17
N ASN D 448 -27.11 0.11 -19.75
CA ASN D 448 -28.33 0.69 -19.16
C ASN D 448 -28.16 0.98 -17.68
N GLY D 449 -27.10 1.72 -17.34
CA GLY D 449 -26.85 2.08 -15.96
C GLY D 449 -26.31 0.99 -15.04
N PHE D 450 -26.12 -0.21 -15.57
CA PHE D 450 -25.60 -1.30 -14.77
C PHE D 450 -24.26 -1.82 -15.31
N TYR D 451 -23.48 -2.44 -14.44
CA TYR D 451 -22.18 -2.99 -14.82
C TYR D 451 -22.21 -4.51 -14.83
N LEU D 452 -21.87 -5.10 -15.98
CA LEU D 452 -21.84 -6.54 -16.13
C LEU D 452 -20.41 -7.02 -16.28
N ILE D 453 -20.09 -8.10 -15.58
CA ILE D 453 -18.74 -8.68 -15.65
C ILE D 453 -18.50 -9.40 -16.97
N LYS D 454 -17.28 -9.30 -17.47
CA LYS D 454 -16.92 -9.98 -18.70
C LYS D 454 -15.41 -10.19 -18.74
N ASP D 455 -14.98 -11.14 -19.57
CA ASP D 455 -13.57 -11.45 -19.75
C ASP D 455 -12.85 -11.59 -18.41
N THR D 456 -13.49 -12.24 -17.46
CA THR D 456 -12.95 -12.43 -16.13
C THR D 456 -13.26 -13.84 -15.68
N LYS D 457 -12.28 -14.51 -15.06
CA LYS D 457 -12.47 -15.87 -14.61
C LYS D 457 -11.80 -16.12 -13.26
N LEU D 458 -12.42 -16.98 -12.48
CA LEU D 458 -11.88 -17.37 -11.19
C LEU D 458 -10.64 -18.20 -11.50
N ILE D 459 -9.64 -18.12 -10.63
CA ILE D 459 -8.42 -18.90 -10.81
C ILE D 459 -8.22 -19.85 -9.64
N TYR D 460 -9.26 -19.99 -8.82
CA TYR D 460 -9.25 -20.90 -7.69
C TYR D 460 -10.62 -21.63 -7.67
N GLN E 1 4.06 -16.74 17.94
CA GLN E 1 4.10 -15.94 19.20
C GLN E 1 4.38 -14.46 18.94
N GLN E 2 3.42 -13.62 19.29
CA GLN E 2 3.54 -12.18 19.10
C GLN E 2 4.54 -11.57 20.08
N GLN E 3 5.56 -10.92 19.54
CA GLN E 3 6.57 -10.29 20.37
C GLN E 3 6.17 -8.90 20.85
N SER E 4 5.30 -8.23 20.11
CA SER E 4 4.83 -6.90 20.48
C SER E 4 3.65 -7.03 21.42
N ALA E 5 3.83 -6.60 22.66
CA ALA E 5 2.76 -6.70 23.64
C ALA E 5 1.55 -5.88 23.20
N PHE E 6 1.81 -4.66 22.73
CA PHE E 6 0.74 -3.79 22.27
C PHE E 6 -0.04 -4.40 21.12
N LYS E 7 0.68 -4.94 20.14
CA LYS E 7 0.03 -5.54 18.98
C LYS E 7 -0.85 -6.72 19.38
N GLN E 8 -0.37 -7.54 20.29
CA GLN E 8 -1.14 -8.69 20.73
C GLN E 8 -2.38 -8.24 21.52
N LEU E 9 -2.22 -7.22 22.35
CA LEU E 9 -3.35 -6.73 23.13
C LEU E 9 -4.44 -6.13 22.26
N TYR E 10 -4.05 -5.13 21.48
CA TYR E 10 -4.98 -4.44 20.59
C TYR E 10 -5.61 -5.39 19.57
N THR E 11 -4.88 -6.42 19.16
CA THR E 11 -5.40 -7.37 18.20
C THR E 11 -6.52 -8.19 18.83
N GLU E 12 -6.29 -8.69 20.03
CA GLU E 12 -7.31 -9.48 20.70
C GLU E 12 -8.55 -8.65 21.01
N LEU E 13 -8.34 -7.38 21.35
CA LEU E 13 -9.48 -6.51 21.64
C LEU E 13 -10.39 -6.47 20.41
N PHE E 14 -9.82 -6.23 19.23
CA PHE E 14 -10.62 -6.18 18.00
C PHE E 14 -11.21 -7.53 17.64
N ASN E 15 -10.43 -8.59 17.82
CA ASN E 15 -10.91 -9.93 17.51
C ASN E 15 -11.94 -10.42 18.53
N ASN E 16 -12.25 -9.58 19.51
CA ASN E 16 -13.23 -9.91 20.54
C ASN E 16 -14.25 -8.78 20.68
N GLU E 17 -14.73 -8.30 19.53
CA GLU E 17 -15.73 -7.24 19.46
C GLU E 17 -15.54 -6.12 20.48
N GLY E 18 -14.30 -5.68 20.64
CA GLY E 18 -14.00 -4.60 21.58
C GLY E 18 -14.37 -4.88 23.03
N ASP E 19 -14.59 -6.14 23.37
CA ASP E 19 -14.94 -6.53 24.73
C ASP E 19 -13.65 -6.80 25.52
N PHE E 20 -13.21 -5.82 26.29
CA PHE E 20 -11.99 -5.96 27.07
C PHE E 20 -12.01 -7.09 28.11
N SER E 21 -13.21 -7.54 28.48
CA SER E 21 -13.32 -8.62 29.46
C SER E 21 -13.07 -9.97 28.81
N LYS E 22 -13.19 -10.03 27.48
CA LYS E 22 -12.98 -11.27 26.76
C LYS E 22 -11.52 -11.49 26.35
N VAL E 23 -10.69 -10.48 26.50
CA VAL E 23 -9.29 -10.61 26.14
C VAL E 23 -8.56 -11.43 27.20
N SER E 24 -7.58 -12.20 26.78
CA SER E 24 -6.82 -13.06 27.69
C SER E 24 -6.44 -12.32 28.97
N SER E 25 -6.61 -13.00 30.10
CA SER E 25 -6.28 -12.42 31.39
C SER E 25 -4.76 -12.34 31.60
N ASN E 26 -4.05 -13.33 31.05
CA ASN E 26 -2.60 -13.38 31.19
C ASN E 26 -1.91 -12.24 30.44
N LEU E 27 -2.69 -11.28 29.95
CA LEU E 27 -2.15 -10.13 29.23
C LEU E 27 -2.43 -8.83 29.96
N LYS E 28 -3.22 -8.93 31.03
CA LYS E 28 -3.57 -7.74 31.80
C LYS E 28 -2.60 -7.47 32.94
N LYS E 29 -1.32 -7.72 32.69
CA LYS E 29 -0.27 -7.49 33.69
C LYS E 29 0.33 -6.10 33.46
N PRO E 30 1.05 -5.57 34.45
CA PRO E 30 1.68 -4.24 34.34
C PRO E 30 2.46 -4.07 33.03
N LEU E 31 2.42 -2.88 32.47
CA LEU E 31 3.10 -2.58 31.23
C LEU E 31 4.27 -1.64 31.39
N LYS E 32 5.48 -2.15 31.15
CA LYS E 32 6.69 -1.33 31.25
C LYS E 32 7.03 -0.88 29.85
N CYS E 33 6.88 0.43 29.59
CA CYS E 33 7.17 0.95 28.27
C CYS E 33 8.03 2.21 28.24
N TYR E 34 8.74 2.37 27.13
CA TYR E 34 9.63 3.51 26.89
C TYR E 34 8.83 4.69 26.37
N VAL E 35 9.13 5.89 26.87
CA VAL E 35 8.42 7.08 26.43
C VAL E 35 9.15 7.71 25.23
N LYS E 36 8.60 7.51 24.04
CA LYS E 36 9.22 8.05 22.83
C LYS E 36 9.07 9.56 22.76
N GLU E 37 7.85 10.03 23.03
CA GLU E 37 7.55 11.46 22.99
C GLU E 37 6.62 11.77 24.14
N SER E 38 6.51 13.05 24.50
CA SER E 38 5.66 13.46 25.61
C SER E 38 4.86 14.72 25.28
N TYR E 39 5.25 15.43 24.22
CA TYR E 39 4.56 16.65 23.82
C TYR E 39 5.05 17.03 22.43
N PRO E 40 4.13 17.48 21.55
CA PRO E 40 2.69 17.65 21.72
C PRO E 40 1.92 16.33 21.84
N HIS E 41 2.58 15.22 21.53
CA HIS E 41 1.94 13.92 21.60
C HIS E 41 2.70 13.00 22.54
N PHE E 42 2.00 12.44 23.53
CA PHE E 42 2.64 11.53 24.46
C PHE E 42 2.59 10.14 23.85
N LEU E 43 3.73 9.63 23.41
CA LEU E 43 3.78 8.32 22.79
C LEU E 43 4.75 7.38 23.47
N VAL E 44 4.29 6.15 23.76
CA VAL E 44 5.13 5.16 24.41
C VAL E 44 5.28 3.94 23.49
N THR E 45 6.38 3.21 23.66
CA THR E 45 6.63 2.04 22.84
C THR E 45 6.83 0.81 23.69
N ASP E 46 6.69 -0.35 23.07
CA ASP E 46 6.86 -1.63 23.75
C ASP E 46 8.05 -2.33 23.13
N GLY E 47 8.88 -1.55 22.44
CA GLY E 47 10.05 -2.11 21.80
C GLY E 47 9.83 -2.34 20.32
N TYR E 48 8.58 -2.29 19.86
CA TYR E 48 8.25 -2.50 18.45
C TYR E 48 7.30 -1.45 17.87
N PHE E 49 6.27 -1.09 18.62
CA PHE E 49 5.30 -0.10 18.17
C PHE E 49 5.07 0.95 19.24
N PHE E 50 4.51 2.09 18.82
CA PHE E 50 4.19 3.14 19.76
C PHE E 50 2.67 3.35 19.79
N VAL E 51 2.15 3.66 20.97
CA VAL E 51 0.74 3.91 21.15
C VAL E 51 0.57 5.11 22.05
N ALA E 52 -0.60 5.75 21.98
CA ALA E 52 -0.87 6.91 22.80
C ALA E 52 -1.73 6.54 24.00
N PRO E 53 -1.15 6.61 25.21
CA PRO E 53 -1.87 6.28 26.44
C PRO E 53 -2.78 7.44 26.81
N TYR E 54 -3.99 7.13 27.29
CA TYR E 54 -4.94 8.15 27.70
C TYR E 54 -5.07 8.17 29.22
N PHE E 55 -4.58 9.26 29.83
CA PHE E 55 -4.60 9.41 31.28
C PHE E 55 -5.89 10.01 31.84
N THR E 56 -6.38 9.41 32.91
CA THR E 56 -7.59 9.89 33.58
C THR E 56 -7.15 10.99 34.54
N LYS E 57 -8.05 11.91 34.86
CA LYS E 57 -7.72 13.00 35.77
C LYS E 57 -7.21 12.46 37.11
N GLU E 58 -7.66 11.26 37.46
CA GLU E 58 -7.23 10.63 38.71
C GLU E 58 -5.77 10.20 38.60
N ALA E 59 -5.48 9.44 37.54
CA ALA E 59 -4.13 8.94 37.29
C ALA E 59 -3.05 10.01 37.39
N VAL E 60 -3.33 11.21 36.88
CA VAL E 60 -2.36 12.29 36.93
C VAL E 60 -2.21 12.88 38.33
N ASN E 61 -3.33 13.10 39.01
CA ASN E 61 -3.30 13.66 40.35
C ASN E 61 -2.51 12.73 41.26
N GLU E 62 -2.71 11.43 41.09
CA GLU E 62 -2.00 10.44 41.89
C GLU E 62 -0.51 10.55 41.61
N PHE E 63 -0.18 10.67 40.34
CA PHE E 63 1.20 10.80 39.88
C PHE E 63 1.85 12.00 40.55
N HIS E 64 1.25 13.17 40.35
CA HIS E 64 1.74 14.42 40.91
C HIS E 64 1.87 14.38 42.43
N ALA E 65 1.15 13.45 43.05
CA ALA E 65 1.18 13.30 44.50
C ALA E 65 2.37 12.47 44.96
N LYS E 66 2.57 11.31 44.33
CA LYS E 66 3.68 10.45 44.69
C LYS E 66 5.00 10.91 44.08
N PHE E 67 4.92 11.76 43.05
CA PHE E 67 6.12 12.25 42.39
C PHE E 67 6.02 13.75 42.09
N PRO E 68 6.23 14.59 43.11
CA PRO E 68 6.17 16.05 42.97
C PRO E 68 7.33 16.61 42.15
N ASN E 69 8.45 15.90 42.18
CA ASN E 69 9.63 16.34 41.45
C ASN E 69 9.67 15.81 40.01
N VAL E 70 8.53 15.36 39.51
CA VAL E 70 8.48 14.81 38.16
C VAL E 70 7.33 15.33 37.29
N ASN E 71 7.68 16.00 36.20
CA ASN E 71 6.69 16.52 35.28
C ASN E 71 6.47 15.48 34.17
N ILE E 72 5.22 15.14 33.93
CA ILE E 72 4.88 14.15 32.93
C ILE E 72 5.26 14.56 31.51
N VAL E 73 5.03 15.83 31.19
CA VAL E 73 5.36 16.36 29.86
C VAL E 73 6.86 16.40 29.60
N ASP E 74 7.66 15.97 30.57
CA ASP E 74 9.12 15.95 30.42
C ASP E 74 9.69 14.56 30.62
N LEU E 75 8.86 13.54 30.41
CA LEU E 75 9.27 12.16 30.58
C LEU E 75 9.87 11.53 29.31
N THR E 76 10.07 12.33 28.27
CA THR E 76 10.63 11.82 27.03
C THR E 76 11.95 11.13 27.32
N ASP E 77 12.17 10.01 26.63
CA ASP E 77 13.38 9.21 26.77
C ASP E 77 13.49 8.53 28.12
N LYS E 78 12.42 8.63 28.91
CA LYS E 78 12.38 8.01 30.23
C LYS E 78 11.42 6.84 30.14
N VAL E 79 11.47 5.94 31.13
CA VAL E 79 10.58 4.77 31.14
C VAL E 79 9.52 4.88 32.23
N ILE E 80 8.35 4.30 31.96
CA ILE E 80 7.26 4.32 32.91
C ILE E 80 6.67 2.93 33.07
N VAL E 81 5.94 2.73 34.15
CA VAL E 81 5.32 1.44 34.43
C VAL E 81 3.85 1.64 34.73
N ILE E 82 2.99 1.19 33.81
CA ILE E 82 1.55 1.33 33.97
C ILE E 82 1.03 0.10 34.71
N ASN E 83 0.73 0.27 36.00
CA ASN E 83 0.24 -0.82 36.84
C ASN E 83 -1.23 -1.11 36.65
N ASN E 84 -2.03 -0.05 36.56
CA ASN E 84 -3.47 -0.21 36.39
C ASN E 84 -3.93 0.43 35.09
N TRP E 85 -4.37 -0.40 34.15
CA TRP E 85 -4.83 0.07 32.84
C TRP E 85 -5.95 -0.77 32.27
N SER E 86 -6.60 -0.23 31.25
CA SER E 86 -7.69 -0.91 30.54
C SER E 86 -7.69 -0.50 29.06
N LEU E 87 -8.41 -1.26 28.24
CA LEU E 87 -8.50 -1.01 26.80
C LEU E 87 -9.94 -0.93 26.34
N GLU E 88 -10.24 0.02 25.46
CA GLU E 88 -11.59 0.18 24.94
C GLU E 88 -11.57 0.72 23.52
N LEU E 89 -12.64 0.42 22.78
CA LEU E 89 -12.78 0.86 21.40
C LEU E 89 -13.58 2.14 21.31
N ARG E 90 -13.15 3.03 20.43
CA ARG E 90 -13.81 4.32 20.25
C ARG E 90 -13.92 4.65 18.77
N ARG E 91 -14.96 5.38 18.40
CA ARG E 91 -15.14 5.79 17.02
C ARG E 91 -14.51 7.16 16.91
N VAL E 92 -13.63 7.34 15.93
CA VAL E 92 -12.96 8.62 15.75
C VAL E 92 -12.83 8.97 14.28
N ASN E 93 -12.29 10.14 14.00
CA ASN E 93 -12.07 10.59 12.64
C ASN E 93 -10.59 10.35 12.33
N SER E 94 -10.29 9.19 11.77
CA SER E 94 -8.92 8.83 11.44
C SER E 94 -8.19 9.86 10.59
N ALA E 95 -8.92 10.76 9.96
CA ALA E 95 -8.31 11.79 9.14
C ALA E 95 -7.63 12.83 10.03
N GLU E 96 -8.00 12.82 11.32
CA GLU E 96 -7.45 13.76 12.28
C GLU E 96 -6.66 13.09 13.39
N VAL E 97 -7.00 11.85 13.69
CA VAL E 97 -6.32 11.08 14.75
C VAL E 97 -5.39 10.04 14.13
N PHE E 98 -4.09 10.34 14.11
CA PHE E 98 -3.14 9.42 13.50
C PHE E 98 -2.96 8.11 14.26
N THR E 99 -3.45 8.05 15.49
CA THR E 99 -3.36 6.83 16.27
C THR E 99 -4.66 6.02 16.14
N SER E 100 -5.14 5.88 14.92
CA SER E 100 -6.37 5.12 14.66
C SER E 100 -6.38 4.63 13.20
N TYR E 101 -7.42 3.88 12.84
CA TYR E 101 -7.55 3.37 11.48
C TYR E 101 -9.00 3.06 11.13
N ALA E 102 -9.42 3.48 9.94
CA ALA E 102 -10.79 3.26 9.47
C ALA E 102 -11.81 3.80 10.47
N ASN E 103 -11.52 4.97 11.02
CA ASN E 103 -12.39 5.63 11.99
C ASN E 103 -12.64 4.83 13.25
N LEU E 104 -11.70 3.96 13.59
CA LEU E 104 -11.78 3.15 14.79
C LEU E 104 -10.47 3.31 15.54
N GLU E 105 -10.54 3.28 16.86
CA GLU E 105 -9.36 3.41 17.69
C GLU E 105 -9.46 2.58 18.96
N ALA E 106 -8.39 1.84 19.25
CA ALA E 106 -8.33 1.05 20.46
C ALA E 106 -7.48 1.91 21.40
N ARG E 107 -8.07 2.38 22.49
CA ARG E 107 -7.37 3.23 23.46
C ARG E 107 -6.84 2.54 24.70
N LEU E 108 -5.62 2.91 25.09
CA LEU E 108 -4.98 2.38 26.29
C LEU E 108 -5.30 3.35 27.42
N ILE E 109 -6.32 3.01 28.20
CA ILE E 109 -6.74 3.86 29.33
C ILE E 109 -5.85 3.60 30.54
N VAL E 110 -5.05 4.59 30.91
CA VAL E 110 -4.14 4.46 32.05
C VAL E 110 -4.74 4.99 33.34
N HIS E 111 -4.76 4.13 34.36
CA HIS E 111 -5.29 4.50 35.67
C HIS E 111 -4.18 4.80 36.67
N SER E 112 -3.05 4.11 36.53
CA SER E 112 -1.91 4.32 37.42
C SER E 112 -0.58 3.93 36.78
N PHE E 113 0.38 4.86 36.77
CA PHE E 113 1.69 4.60 36.21
C PHE E 113 2.83 5.21 37.03
N LYS E 114 3.90 4.44 37.19
CA LYS E 114 5.09 4.85 37.94
C LYS E 114 6.30 5.10 37.04
N PRO E 115 6.96 6.24 37.21
CA PRO E 115 8.13 6.57 36.38
C PRO E 115 9.44 6.03 36.96
N ASN E 116 9.99 5.00 36.32
CA ASN E 116 11.26 4.42 36.75
C ASN E 116 12.39 5.32 36.25
N LEU E 117 12.47 6.50 36.84
CA LEU E 117 13.47 7.50 36.48
C LEU E 117 14.89 6.98 36.32
N GLN E 118 15.48 7.31 35.18
CA GLN E 118 16.85 6.92 34.84
C GLN E 118 17.11 5.42 34.70
N GLU E 119 16.17 4.67 34.15
CA GLU E 119 16.38 3.25 33.92
C GLU E 119 16.66 3.10 32.43
N ARG E 120 17.86 2.63 32.08
CA ARG E 120 18.20 2.47 30.68
C ARG E 120 17.58 1.20 30.13
N LEU E 121 16.91 1.33 28.99
CA LEU E 121 16.26 0.19 28.36
C LEU E 121 17.10 -0.40 27.23
N ASN E 122 16.87 -1.68 26.95
CA ASN E 122 17.59 -2.42 25.91
C ASN E 122 17.37 -1.82 24.53
N PRO E 123 18.37 -1.95 23.65
CA PRO E 123 18.31 -1.42 22.28
C PRO E 123 17.22 -2.16 21.48
N THR E 124 16.40 -1.39 20.78
CA THR E 124 15.32 -1.97 19.98
C THR E 124 15.23 -1.32 18.61
N ARG E 125 14.35 -1.87 17.78
CA ARG E 125 14.14 -1.35 16.43
C ARG E 125 13.43 -0.01 16.57
N TYR E 126 13.40 0.78 15.50
CA TYR E 126 12.72 2.07 15.54
C TYR E 126 11.21 1.77 15.63
N PRO E 127 10.53 2.33 16.65
CA PRO E 127 9.09 2.14 16.88
C PRO E 127 8.20 2.74 15.79
N VAL E 128 7.20 1.98 15.36
CA VAL E 128 6.28 2.46 14.35
C VAL E 128 4.86 2.52 14.87
N ASN E 129 4.07 3.43 14.29
CA ASN E 129 2.67 3.60 14.67
C ASN E 129 1.96 2.27 14.48
N LEU E 130 1.46 1.68 15.57
CA LEU E 130 0.79 0.39 15.47
C LEU E 130 -0.37 0.44 14.46
N PHE E 131 -1.00 1.60 14.33
CA PHE E 131 -2.10 1.73 13.40
C PHE E 131 -1.66 1.91 11.94
N ARG E 132 -0.39 1.65 11.66
CA ARG E 132 0.12 1.76 10.32
C ARG E 132 0.69 0.40 9.89
N ASP E 133 0.63 -0.56 10.82
CA ASP E 133 1.10 -1.91 10.60
C ASP E 133 0.18 -2.69 9.65
N ASP E 134 0.78 -3.45 8.74
CA ASP E 134 0.02 -4.23 7.76
C ASP E 134 -0.96 -5.20 8.42
N GLU E 135 -0.44 -6.12 9.23
CA GLU E 135 -1.28 -7.09 9.90
C GLU E 135 -2.36 -6.48 10.79
N PHE E 136 -2.03 -5.42 11.50
CA PHE E 136 -3.02 -4.81 12.37
C PHE E 136 -4.09 -4.06 11.58
N LYS E 137 -3.69 -3.40 10.49
CA LYS E 137 -4.68 -2.71 9.67
C LYS E 137 -5.65 -3.78 9.13
N THR E 138 -5.08 -4.91 8.71
CA THR E 138 -5.84 -6.01 8.16
C THR E 138 -6.78 -6.58 9.21
N THR E 139 -6.28 -6.67 10.43
CA THR E 139 -7.07 -7.18 11.54
C THR E 139 -8.27 -6.26 11.74
N ILE E 140 -8.06 -4.97 11.58
CA ILE E 140 -9.14 -4.02 11.74
C ILE E 140 -10.11 -4.14 10.56
N GLN E 141 -9.58 -4.31 9.35
CA GLN E 141 -10.47 -4.47 8.20
C GLN E 141 -11.33 -5.71 8.38
N HIS E 142 -10.78 -6.75 9.01
CA HIS E 142 -11.55 -7.98 9.23
C HIS E 142 -12.72 -7.67 10.14
N PHE E 143 -12.45 -6.88 11.16
CA PHE E 143 -13.44 -6.47 12.12
C PHE E 143 -14.60 -5.77 11.42
N ARG E 144 -14.29 -4.79 10.57
CA ARG E 144 -15.33 -4.06 9.85
C ARG E 144 -16.05 -4.95 8.85
N HIS E 145 -15.29 -5.84 8.21
CA HIS E 145 -15.87 -6.74 7.22
C HIS E 145 -16.98 -7.55 7.85
N THR E 146 -16.72 -8.06 9.05
CA THR E 146 -17.69 -8.86 9.78
C THR E 146 -18.93 -8.04 10.15
N ALA E 147 -18.73 -6.84 10.65
CA ALA E 147 -19.85 -5.97 11.04
C ALA E 147 -20.67 -5.57 9.82
N LEU E 148 -19.97 -5.32 8.72
CA LEU E 148 -20.59 -4.91 7.46
C LEU E 148 -21.42 -6.04 6.88
N GLN E 149 -20.83 -7.23 6.85
CA GLN E 149 -21.51 -8.37 6.28
C GLN E 149 -22.77 -8.72 7.07
N ALA E 150 -22.70 -8.65 8.40
CA ALA E 150 -23.85 -8.95 9.23
C ALA E 150 -24.97 -7.94 8.97
N ALA E 151 -24.60 -6.68 8.86
CA ALA E 151 -25.59 -5.64 8.60
C ALA E 151 -26.24 -5.81 7.24
N ILE E 152 -25.42 -6.06 6.23
CA ILE E 152 -25.94 -6.24 4.87
C ILE E 152 -26.87 -7.45 4.75
N ASN E 153 -26.51 -8.56 5.38
CA ASN E 153 -27.35 -9.75 5.31
C ASN E 153 -28.65 -9.58 6.09
N LYS E 154 -28.71 -8.52 6.90
CA LYS E 154 -29.89 -8.23 7.70
C LYS E 154 -30.74 -7.15 7.00
N THR E 155 -30.06 -6.21 6.35
CA THR E 155 -30.72 -5.11 5.66
C THR E 155 -31.25 -5.47 4.28
N VAL E 156 -30.44 -6.17 3.52
CA VAL E 156 -30.79 -6.60 2.16
C VAL E 156 -31.58 -7.90 2.18
N LYS E 157 -32.71 -7.90 1.49
CA LYS E 157 -33.57 -9.08 1.45
C LYS E 157 -34.46 -9.10 0.20
N GLY E 158 -35.16 -10.21 0.00
CA GLY E 158 -36.07 -10.34 -1.13
C GLY E 158 -35.45 -10.52 -2.51
N ASP E 159 -34.15 -10.75 -2.56
CA ASP E 159 -33.46 -10.95 -3.83
C ASP E 159 -33.94 -9.99 -4.93
N ASN E 160 -33.87 -8.71 -4.66
CA ASN E 160 -34.29 -7.72 -5.65
C ASN E 160 -33.28 -7.65 -6.78
N LEU E 161 -33.26 -8.70 -7.60
CA LEU E 161 -32.35 -8.78 -8.73
C LEU E 161 -32.80 -7.88 -9.87
N VAL E 162 -31.85 -7.18 -10.48
CA VAL E 162 -32.16 -6.34 -11.61
C VAL E 162 -32.86 -7.23 -12.64
N ASP E 163 -33.99 -6.79 -13.16
CA ASP E 163 -34.71 -7.60 -14.14
C ASP E 163 -33.83 -7.77 -15.37
N ILE E 164 -33.62 -9.02 -15.77
CA ILE E 164 -32.77 -9.33 -16.90
C ILE E 164 -33.06 -8.54 -18.19
N SER E 165 -34.30 -8.14 -18.39
CA SER E 165 -34.67 -7.37 -19.58
C SER E 165 -33.97 -6.01 -19.64
N LYS E 166 -33.70 -5.42 -18.48
CA LYS E 166 -33.01 -4.13 -18.44
C LYS E 166 -31.60 -4.22 -19.03
N VAL E 167 -30.94 -5.35 -18.87
CA VAL E 167 -29.59 -5.50 -19.41
C VAL E 167 -29.59 -6.25 -20.75
N ALA E 168 -30.73 -6.81 -21.10
CA ALA E 168 -30.89 -7.52 -22.37
C ALA E 168 -31.61 -6.55 -23.31
N ASP E 169 -31.18 -6.50 -24.57
CA ASP E 169 -31.81 -5.60 -25.52
C ASP E 169 -31.73 -4.17 -24.96
N ALA E 170 -30.52 -3.73 -24.66
CA ALA E 170 -30.30 -2.40 -24.12
C ALA E 170 -29.79 -1.45 -25.19
N ALA E 171 -30.18 -1.70 -26.44
CA ALA E 171 -29.75 -0.86 -27.55
C ALA E 171 -30.34 0.55 -27.39
N GLY E 172 -31.63 0.60 -27.11
CA GLY E 172 -32.31 1.88 -26.95
C GLY E 172 -32.55 2.20 -25.49
N LYS E 173 -31.70 1.70 -24.61
CA LYS E 173 -31.88 1.95 -23.18
C LYS E 173 -30.68 2.66 -22.56
N LYS E 174 -30.97 3.70 -21.79
CA LYS E 174 -29.92 4.44 -21.12
C LYS E 174 -30.27 4.49 -19.63
N GLY E 175 -29.25 4.36 -18.79
CA GLY E 175 -29.47 4.38 -17.36
C GLY E 175 -28.38 5.09 -16.58
N LYS E 176 -28.70 5.46 -15.34
CA LYS E 176 -27.75 6.12 -14.44
C LYS E 176 -27.15 5.07 -13.53
N VAL E 177 -25.83 5.05 -13.44
CA VAL E 177 -25.13 4.08 -12.63
C VAL E 177 -25.48 4.09 -11.15
N ASP E 178 -26.03 5.19 -10.65
CA ASP E 178 -26.36 5.23 -9.23
C ASP E 178 -27.54 4.30 -8.93
N ALA E 179 -28.07 3.68 -9.99
CA ALA E 179 -29.17 2.74 -9.84
C ALA E 179 -28.64 1.47 -9.18
N GLY E 180 -27.32 1.34 -9.16
CA GLY E 180 -26.70 0.18 -8.57
C GLY E 180 -26.27 0.40 -7.13
N ILE E 181 -26.59 1.56 -6.57
CA ILE E 181 -26.19 1.84 -5.20
C ILE E 181 -27.21 1.28 -4.22
N VAL E 182 -26.74 0.45 -3.29
CA VAL E 182 -27.60 -0.17 -2.29
C VAL E 182 -27.11 0.18 -0.88
N LYS E 183 -28.03 0.59 -0.01
CA LYS E 183 -27.71 0.92 1.37
C LYS E 183 -27.34 -0.34 2.12
N ALA E 184 -26.21 -0.28 2.84
CA ALA E 184 -25.71 -1.43 3.59
C ALA E 184 -26.43 -1.67 4.91
N SER E 185 -26.89 -0.59 5.54
CA SER E 185 -27.57 -0.73 6.82
C SER E 185 -28.54 0.41 7.03
N ALA E 186 -29.17 0.38 8.20
CA ALA E 186 -30.12 1.40 8.58
C ALA E 186 -29.40 2.60 9.19
N SER E 187 -28.09 2.67 8.99
CA SER E 187 -27.30 3.78 9.54
C SER E 187 -27.95 5.13 9.21
N LYS E 188 -27.76 6.07 10.12
CA LYS E 188 -28.33 7.41 9.98
C LYS E 188 -27.61 8.25 8.93
N GLY E 189 -26.29 8.26 8.97
CA GLY E 189 -25.54 9.06 8.01
C GLY E 189 -25.04 8.34 6.77
N ASP E 190 -24.09 8.97 6.10
CA ASP E 190 -23.49 8.41 4.89
C ASP E 190 -22.29 7.54 5.25
N GLU E 191 -22.08 7.34 6.55
CA GLU E 191 -20.96 6.52 7.01
C GLU E 191 -21.49 5.28 7.73
N PHE E 192 -20.96 4.10 7.38
CA PHE E 192 -21.39 2.86 8.00
C PHE E 192 -21.08 2.95 9.49
N SER E 193 -22.02 2.53 10.32
CA SER E 193 -21.83 2.59 11.76
C SER E 193 -22.59 1.51 12.53
N ASP E 194 -23.18 0.57 11.80
CA ASP E 194 -23.94 -0.50 12.45
C ASP E 194 -23.02 -1.55 13.07
N PHE E 195 -22.33 -1.18 14.15
CA PHE E 195 -21.44 -2.12 14.84
C PHE E 195 -22.13 -2.68 16.08
N SER E 196 -21.70 -3.86 16.52
CA SER E 196 -22.31 -4.52 17.66
C SER E 196 -21.58 -4.26 18.97
N PHE E 197 -20.29 -3.93 18.89
CA PHE E 197 -19.50 -3.67 20.10
C PHE E 197 -20.04 -2.40 20.73
N LYS E 198 -20.03 -2.32 22.05
CA LYS E 198 -20.52 -1.10 22.68
C LYS E 198 -19.36 -0.15 22.92
N GLU E 199 -19.39 0.98 22.23
CA GLU E 199 -18.36 1.98 22.33
C GLU E 199 -18.03 2.32 23.77
N GLY E 200 -16.77 2.09 24.15
CA GLY E 200 -16.35 2.39 25.50
C GLY E 200 -16.44 3.87 25.79
N ASN E 201 -16.63 4.22 27.05
CA ASN E 201 -16.73 5.62 27.45
C ASN E 201 -15.96 5.84 28.75
N THR E 202 -15.06 6.82 28.73
CA THR E 202 -14.27 7.14 29.91
C THR E 202 -13.61 8.50 29.72
N ALA E 203 -13.81 9.37 30.70
CA ALA E 203 -13.23 10.71 30.66
C ALA E 203 -11.71 10.60 30.70
N THR E 204 -11.06 11.28 29.77
CA THR E 204 -9.62 11.26 29.70
C THR E 204 -9.12 12.69 29.52
N LEU E 205 -7.89 12.94 29.96
CA LEU E 205 -7.31 14.27 29.86
C LEU E 205 -6.59 14.53 28.54
N LYS E 206 -6.67 15.76 28.07
CA LYS E 206 -6.00 16.16 26.83
C LYS E 206 -4.56 16.46 27.24
N ILE E 207 -3.61 15.97 26.46
CA ILE E 207 -2.20 16.17 26.74
C ILE E 207 -1.87 17.66 26.94
N ALA E 208 -2.70 18.54 26.39
CA ALA E 208 -2.48 19.97 26.52
C ALA E 208 -2.80 20.46 27.93
N ASP E 209 -3.89 19.97 28.50
CA ASP E 209 -4.29 20.38 29.84
C ASP E 209 -3.24 20.00 30.88
N ILE E 210 -2.64 18.82 30.71
CA ILE E 210 -1.62 18.38 31.65
C ILE E 210 -0.36 19.20 31.49
N PHE E 211 -0.24 19.88 30.35
CA PHE E 211 0.92 20.73 30.07
C PHE E 211 0.76 22.02 30.87
N VAL E 212 -0.46 22.54 30.90
CA VAL E 212 -0.76 23.77 31.62
C VAL E 212 -0.70 23.53 33.12
N GLN E 213 -1.20 22.36 33.54
CA GLN E 213 -1.20 22.00 34.95
C GLN E 213 0.21 21.87 35.50
N GLU E 214 1.21 21.82 34.62
CA GLU E 214 2.59 21.70 35.05
C GLU E 214 3.44 22.90 34.63
N LYS E 215 2.87 23.78 33.81
CA LYS E 215 3.56 24.98 33.35
C LYS E 215 2.65 25.91 32.56
N GLY E 216 1.69 26.52 33.27
CA GLY E 216 0.74 27.44 32.67
C GLY E 216 1.15 28.12 31.39
NA NA F . 30.03 37.76 4.22
NA NA G . 27.42 39.53 2.02
NA NA H . 25.02 41.77 -0.83
NA NA I . 22.70 44.03 -3.01
CL CL J . -26.02 3.42 -19.72
#